data_6MJ3
#
_entry.id   6MJ3
#
_cell.length_a   213.108
_cell.length_b   71.270
_cell.length_c   135.521
_cell.angle_alpha   90.00
_cell.angle_beta   119.72
_cell.angle_gamma   90.00
#
_symmetry.space_group_name_H-M   'C 1 2 1'
#
loop_
_entity.id
_entity.type
_entity.pdbx_description
1 polymer 'Igg1 Fc'
2 polymer 'Low affinity immunoglobulin gamma Fc region receptor III'
3 branched 2-acetamido-2-deoxy-beta-D-glucopyranose-(1-2)-alpha-D-mannopyranose-(1-3)-[2-acetamido-2-deoxy-beta-D-glucopyranose-(1-2)-alpha-D-mannopyranose-(1-6)]beta-D-mannopyranose-(1-4)-2-acetamido-2-deoxy-beta-D-glucopyranose-(1-4)-[alpha-L-fucopyranose-(1-6)]2-acetamido-2-deoxy-beta-D-glucopyranose
4 non-polymer 2-acetamido-2-deoxy-beta-D-glucopyranose
#
loop_
_entity_poly.entity_id
_entity_poly.type
_entity_poly.pdbx_seq_one_letter_code
_entity_poly.pdbx_strand_id
1 'polypeptide(L)'
;PTCPPCPAPELLGGPSVFLFPPKPKDTLMISRTPEVTCVVVDVSQEDPDVKFNWYVNGAEVHHAQTKPRETQYNSTYRVV
SVLTVTHQDWLNGKEYTCKVSNKALPAPIQKTISKDKGQPREPQVYTLPPSREELTKNQVSLTCLVKGFYPSDIVVEWES
SGQPENTYKTTPPVLDSDGSYFLYSKLTVDKSRWQQGNVFSCSVMHEALHNHYTQKSLSVSPGK
;
A,B,D,E
2 'polypeptide(L)'
;MRAEDLPKAVVFLEPQWYRVLEKDSVTLKCQGAYSPEDQSTRWFHNESLISSQTSSYFIAAARVNNSGEYRCQTSLSTLS
DPVQLEVHIGWLLLQAPRWVFKEEESIHLRCHSWKNTLLHKVTYLQNGKGRKYFHQNSDFYIPKATLKDSGSYFCRGLIG
SKNVSSETVQITITQDLAVSSISSFFPPGYQV
;
C,F
#
# COMPACT_ATOMS: atom_id res chain seq x y z
N GLY A 14 -7.33 -10.84 -21.93
CA GLY A 14 -6.10 -10.64 -21.20
C GLY A 14 -5.90 -9.23 -20.67
N PRO A 15 -4.70 -8.95 -20.15
CA PRO A 15 -4.39 -7.58 -19.71
C PRO A 15 -4.19 -6.62 -20.88
N SER A 16 -4.26 -5.33 -20.57
CA SER A 16 -4.16 -4.30 -21.60
C SER A 16 -3.07 -3.31 -21.22
N VAL A 17 -2.42 -2.76 -22.25
CA VAL A 17 -1.31 -1.83 -22.07
C VAL A 17 -1.60 -0.57 -22.86
N PHE A 18 -1.24 0.58 -22.30
CA PHE A 18 -1.55 1.88 -22.89
C PHE A 18 -0.28 2.72 -22.87
N LEU A 19 0.52 2.61 -23.93
CA LEU A 19 1.80 3.29 -24.04
C LEU A 19 1.64 4.80 -24.05
N PHE A 20 1.84 5.44 -22.90
CA PHE A 20 1.76 6.90 -22.81
C PHE A 20 3.05 7.55 -23.28
N PRO A 21 2.99 8.81 -23.71
CA PRO A 21 4.18 9.48 -24.21
C PRO A 21 4.77 10.42 -23.18
N PRO A 22 6.00 10.88 -23.38
CA PRO A 22 6.59 11.84 -22.43
C PRO A 22 5.88 13.17 -22.46
N LYS A 23 5.76 13.78 -21.28
CA LYS A 23 5.20 15.11 -21.19
C LYS A 23 6.04 16.09 -22.02
N PRO A 24 5.36 16.95 -22.83
CA PRO A 24 6.10 17.87 -23.70
C PRO A 24 7.10 18.67 -22.91
N LYS A 25 6.66 19.40 -21.88
CA LYS A 25 7.56 20.20 -21.06
C LYS A 25 8.79 19.42 -20.63
N ASP A 26 8.62 18.14 -20.29
CA ASP A 26 9.76 17.33 -19.87
C ASP A 26 10.75 17.15 -21.01
N THR A 27 10.26 16.91 -22.23
CA THR A 27 11.22 16.75 -23.31
C THR A 27 11.68 18.06 -23.94
N LEU A 28 10.97 19.16 -23.70
CA LEU A 28 11.44 20.47 -24.10
C LEU A 28 12.47 20.96 -23.10
N MET A 29 13.61 21.42 -23.61
CA MET A 29 14.79 21.78 -22.81
C MET A 29 15.30 20.52 -22.12
N ILE A 30 15.86 20.65 -20.92
CA ILE A 30 16.79 19.65 -20.39
C ILE A 30 16.63 19.50 -18.89
N SER A 31 15.73 20.27 -18.28
CA SER A 31 15.67 20.35 -16.83
C SER A 31 15.30 19.02 -16.19
N ARG A 32 14.27 18.34 -16.73
CA ARG A 32 13.86 17.03 -16.23
C ARG A 32 14.03 16.00 -17.33
N THR A 33 14.74 14.92 -17.02
CA THR A 33 14.92 13.84 -17.98
C THR A 33 13.56 13.22 -18.32
N PRO A 34 13.19 13.15 -19.59
CA PRO A 34 11.87 12.62 -19.96
C PRO A 34 11.82 11.09 -19.86
N GLU A 35 10.59 10.59 -19.81
CA GLU A 35 10.31 9.17 -19.71
C GLU A 35 9.19 8.81 -20.67
N VAL A 36 9.26 7.61 -21.23
CA VAL A 36 8.17 7.09 -22.06
C VAL A 36 7.43 6.03 -21.27
N THR A 37 6.39 6.42 -20.54
CA THR A 37 5.73 5.52 -19.61
C THR A 37 4.91 4.48 -20.36
N CYS A 38 5.10 3.21 -20.02
CA CYS A 38 4.29 2.12 -20.51
C CYS A 38 3.56 1.50 -19.32
N VAL A 39 2.23 1.58 -19.35
CA VAL A 39 1.40 1.12 -18.25
C VAL A 39 0.66 -0.14 -18.70
N VAL A 40 0.72 -1.18 -17.87
CA VAL A 40 -0.02 -2.41 -18.08
C VAL A 40 -1.07 -2.49 -16.98
N VAL A 41 -2.32 -2.24 -17.35
CA VAL A 41 -3.43 -2.29 -16.40
C VAL A 41 -4.25 -3.55 -16.70
N ASP A 42 -5.06 -3.93 -15.72
CA ASP A 42 -5.95 -5.10 -15.74
C ASP A 42 -5.13 -6.39 -15.83
N VAL A 43 -4.53 -6.75 -14.69
CA VAL A 43 -3.90 -8.05 -14.54
C VAL A 43 -4.20 -8.58 -13.13
N SER A 44 -4.45 -9.88 -13.03
CA SER A 44 -4.98 -10.42 -11.78
C SER A 44 -3.87 -10.68 -10.76
N GLN A 45 -4.31 -11.07 -9.55
CA GLN A 45 -3.36 -11.36 -8.47
C GLN A 45 -2.51 -12.58 -8.78
N GLU A 46 -3.09 -13.58 -9.43
CA GLU A 46 -2.31 -14.66 -10.04
C GLU A 46 -2.20 -14.39 -11.53
N ASP A 47 -1.13 -14.93 -12.12
CA ASP A 47 -0.64 -14.57 -13.44
C ASP A 47 -0.34 -13.07 -13.52
N PRO A 48 0.44 -12.50 -12.58
CA PRO A 48 0.91 -11.12 -12.78
C PRO A 48 2.23 -11.16 -13.53
N ASP A 49 3.30 -10.91 -12.77
CA ASP A 49 4.71 -11.03 -13.14
C ASP A 49 4.93 -11.00 -14.64
N VAL A 50 5.20 -9.81 -15.17
CA VAL A 50 5.37 -9.60 -16.59
C VAL A 50 6.68 -8.86 -16.81
N LYS A 51 7.38 -9.19 -17.89
CA LYS A 51 8.63 -8.53 -18.24
C LYS A 51 8.41 -7.67 -19.48
N PHE A 52 9.36 -6.77 -19.73
CA PHE A 52 9.25 -5.79 -20.81
C PHE A 52 10.51 -5.81 -21.66
N ASN A 53 10.33 -6.01 -22.96
CA ASN A 53 11.42 -5.98 -23.93
C ASN A 53 11.30 -4.72 -24.78
N TRP A 54 11.51 -3.57 -24.15
CA TRP A 54 11.44 -2.30 -24.86
C TRP A 54 12.38 -2.32 -26.06
N TYR A 55 11.95 -1.68 -27.15
CA TYR A 55 12.72 -1.58 -28.38
C TYR A 55 12.80 -0.12 -28.79
N VAL A 56 14.01 0.38 -28.97
CA VAL A 56 14.16 1.74 -29.47
C VAL A 56 14.67 1.64 -30.90
N ASN A 57 13.76 1.25 -31.81
CA ASN A 57 14.04 0.91 -33.20
C ASN A 57 14.57 -0.51 -33.32
N GLY A 58 14.97 -1.11 -32.20
CA GLY A 58 15.37 -2.50 -32.20
C GLY A 58 16.72 -2.80 -31.58
N ALA A 59 16.84 -2.57 -30.27
CA ALA A 59 18.12 -2.84 -29.61
C ALA A 59 17.96 -3.15 -28.12
N GLU A 60 16.75 -3.52 -27.66
CA GLU A 60 16.47 -3.80 -26.25
C GLU A 60 17.19 -2.87 -25.29
N VAL A 61 18.31 -3.35 -24.73
CA VAL A 61 19.11 -2.68 -23.70
C VAL A 61 18.33 -2.66 -22.39
N HIS A 62 18.85 -3.39 -21.40
CA HIS A 62 18.14 -3.62 -20.15
C HIS A 62 17.74 -2.32 -19.44
N HIS A 63 18.60 -1.29 -19.52
CA HIS A 63 18.41 -0.02 -18.82
C HIS A 63 17.01 0.57 -18.94
N ALA A 64 16.00 -0.15 -18.47
CA ALA A 64 14.60 0.29 -18.53
C ALA A 64 13.95 -0.02 -17.17
N GLN A 65 14.13 0.91 -16.23
CA GLN A 65 13.64 0.71 -14.87
C GLN A 65 12.10 0.66 -14.85
N THR A 66 11.57 0.09 -13.78
CA THR A 66 10.14 -0.20 -13.67
C THR A 66 9.65 0.17 -12.27
N LYS A 67 8.34 0.36 -12.15
CA LYS A 67 7.70 0.74 -10.89
C LYS A 67 7.12 -0.49 -10.20
N PRO A 68 6.81 -0.38 -8.90
CA PRO A 68 6.33 -1.53 -8.13
C PRO A 68 4.90 -1.91 -8.47
N ARG A 69 4.49 -3.07 -7.92
CA ARG A 69 3.18 -3.65 -8.16
C ARG A 69 2.06 -2.89 -7.46
N GLU A 70 1.77 -1.67 -7.92
CA GLU A 70 0.72 -0.87 -7.29
C GLU A 70 -0.64 -1.53 -7.47
N THR A 71 -1.32 -1.78 -6.36
CA THR A 71 -2.64 -2.39 -6.40
C THR A 71 -3.72 -1.32 -6.56
N GLN A 72 -4.76 -1.64 -7.32
CA GLN A 72 -5.85 -0.72 -7.59
C GLN A 72 -7.15 -1.29 -7.04
N TYR A 73 -8.12 -0.39 -6.80
CA TYR A 73 -9.43 -0.79 -6.30
C TYR A 73 -10.16 -1.72 -7.26
N ASN A 74 -9.53 -2.85 -7.58
CA ASN A 74 -10.19 -3.93 -8.29
C ASN A 74 -9.30 -5.17 -8.26
N SER A 75 -8.49 -5.30 -7.19
CA SER A 75 -7.49 -6.36 -7.03
C SER A 75 -6.46 -6.31 -8.15
N THR A 76 -6.92 -6.02 -9.37
CA THR A 76 -6.11 -5.64 -10.51
C THR A 76 -4.78 -4.99 -10.17
N TYR A 77 -3.70 -5.73 -10.39
CA TYR A 77 -2.35 -5.22 -10.28
C TYR A 77 -2.09 -4.24 -11.41
N ARG A 78 -1.52 -3.08 -11.10
CA ARG A 78 -1.18 -2.06 -12.08
C ARG A 78 0.34 -2.00 -12.13
N VAL A 79 0.92 -2.78 -13.03
CA VAL A 79 2.36 -2.71 -13.22
C VAL A 79 2.68 -1.55 -14.16
N VAL A 80 3.70 -0.77 -13.79
CA VAL A 80 4.06 0.42 -14.54
C VAL A 80 5.53 0.28 -14.91
N SER A 81 5.94 0.95 -15.98
CA SER A 81 7.34 0.92 -16.36
C SER A 81 7.76 2.25 -16.98
N VAL A 82 8.98 2.65 -16.68
CA VAL A 82 9.60 3.83 -17.22
C VAL A 82 10.59 3.40 -18.30
N LEU A 83 10.90 4.32 -19.22
CA LEU A 83 12.08 4.19 -20.06
C LEU A 83 12.61 5.59 -20.33
N THR A 84 13.66 5.97 -19.60
CA THR A 84 14.27 7.28 -19.81
C THR A 84 14.84 7.38 -21.22
N VAL A 85 14.19 8.17 -22.05
CA VAL A 85 14.66 8.46 -23.41
C VAL A 85 15.44 9.77 -23.37
N THR A 86 16.55 9.79 -24.09
CA THR A 86 17.42 10.96 -24.04
C THR A 86 16.76 12.16 -24.70
N HIS A 87 16.94 13.32 -24.06
CA HIS A 87 16.30 14.56 -24.49
C HIS A 87 16.49 14.84 -25.97
N GLN A 88 17.70 14.63 -26.47
CA GLN A 88 18.03 15.01 -27.85
C GLN A 88 17.47 14.05 -28.90
N ASP A 89 16.93 12.91 -28.49
CA ASP A 89 16.51 11.88 -29.45
C ASP A 89 15.02 11.93 -29.79
N TRP A 90 14.15 11.97 -28.78
CA TRP A 90 12.71 11.86 -29.01
C TRP A 90 12.20 12.81 -30.08
N LEU A 91 12.92 13.90 -30.33
CA LEU A 91 12.55 14.84 -31.39
C LEU A 91 12.97 14.37 -32.77
N ASN A 92 13.99 13.51 -32.86
CA ASN A 92 14.35 12.95 -34.16
C ASN A 92 13.28 12.00 -34.68
N GLY A 93 12.55 11.35 -33.80
CA GLY A 93 11.48 10.46 -34.17
C GLY A 93 11.74 8.98 -34.01
N LYS A 94 12.72 8.59 -33.20
CA LYS A 94 13.00 7.17 -33.03
C LYS A 94 11.83 6.46 -32.38
N GLU A 95 11.31 5.44 -33.06
CA GLU A 95 10.06 4.78 -32.69
C GLU A 95 10.30 3.88 -31.48
N TYR A 96 9.65 4.19 -30.37
CA TYR A 96 9.86 3.47 -29.12
C TYR A 96 8.74 2.47 -28.90
N THR A 97 9.10 1.27 -28.45
CA THR A 97 8.28 0.07 -28.56
C THR A 97 8.21 -0.61 -27.20
N CYS A 98 7.03 -0.66 -26.62
CA CYS A 98 6.79 -1.45 -25.42
C CYS A 98 6.28 -2.83 -25.84
N LYS A 99 6.86 -3.87 -25.24
CA LYS A 99 6.45 -5.25 -25.51
C LYS A 99 6.19 -5.94 -24.18
N VAL A 100 4.97 -6.39 -23.95
CA VAL A 100 4.60 -7.07 -22.72
C VAL A 100 4.12 -8.48 -23.06
N SER A 101 4.49 -9.42 -22.19
CA SER A 101 4.10 -10.82 -22.28
C SER A 101 3.64 -11.29 -20.91
N ASN A 102 2.46 -11.89 -20.86
CA ASN A 102 1.84 -12.32 -19.62
C ASN A 102 1.20 -13.68 -19.83
N LYS A 103 1.14 -14.48 -18.76
CA LYS A 103 0.45 -15.76 -18.85
C LYS A 103 -1.00 -15.57 -19.27
N ALA A 104 -1.60 -14.43 -18.89
CA ALA A 104 -2.99 -14.18 -19.27
C ALA A 104 -3.11 -13.88 -20.75
N LEU A 105 -2.16 -13.15 -21.32
CA LEU A 105 -2.11 -12.96 -22.77
C LEU A 105 -1.52 -14.18 -23.45
N PRO A 106 -2.28 -14.90 -24.28
CA PRO A 106 -1.67 -16.01 -25.02
C PRO A 106 -0.54 -15.55 -25.92
N ALA A 107 -0.72 -14.42 -26.60
CA ALA A 107 0.31 -13.78 -27.41
C ALA A 107 0.74 -12.48 -26.76
N PRO A 108 2.03 -12.12 -26.84
CA PRO A 108 2.47 -10.84 -26.32
C PRO A 108 1.87 -9.69 -27.11
N ILE A 109 1.58 -8.59 -26.42
CA ILE A 109 1.08 -7.41 -27.09
C ILE A 109 2.19 -6.38 -27.07
N GLN A 110 2.16 -5.47 -28.05
CA GLN A 110 3.22 -4.51 -28.25
C GLN A 110 2.64 -3.22 -28.80
N LYS A 111 3.22 -2.10 -28.39
CA LYS A 111 2.78 -0.77 -28.78
C LYS A 111 4.00 0.11 -29.03
N THR A 112 4.07 0.73 -30.20
CA THR A 112 5.18 1.62 -30.50
C THR A 112 4.66 2.99 -30.92
N ILE A 113 5.36 4.04 -30.48
CA ILE A 113 4.98 5.43 -30.73
C ILE A 113 6.26 6.25 -30.90
N SER A 114 6.17 7.32 -31.70
CA SER A 114 7.33 8.14 -32.03
C SER A 114 6.93 9.61 -32.02
N LYS A 115 7.78 10.44 -32.62
CA LYS A 115 7.43 11.82 -32.94
C LYS A 115 6.09 11.86 -33.65
N ASP A 116 5.22 12.79 -33.23
CA ASP A 116 4.06 13.09 -34.04
C ASP A 116 4.58 13.48 -35.41
N LYS A 117 4.54 12.54 -36.35
CA LYS A 117 5.37 12.57 -37.56
C LYS A 117 4.97 13.72 -38.47
N GLY A 118 5.70 13.85 -39.58
CA GLY A 118 5.46 14.91 -40.54
C GLY A 118 6.61 15.88 -40.61
N GLN A 119 6.31 17.18 -40.59
CA GLN A 119 7.26 18.27 -40.49
C GLN A 119 6.57 19.44 -39.82
N PRO A 120 7.30 20.26 -39.05
CA PRO A 120 6.65 21.26 -38.19
C PRO A 120 6.39 22.60 -38.86
N ARG A 121 6.17 23.63 -38.03
CA ARG A 121 6.06 25.01 -38.47
C ARG A 121 6.24 25.91 -37.26
N GLU A 122 7.01 26.98 -37.43
CA GLU A 122 7.23 27.92 -36.33
C GLU A 122 5.92 28.62 -35.97
N PRO A 123 5.55 28.66 -34.71
CA PRO A 123 4.31 29.35 -34.30
C PRO A 123 4.55 30.75 -33.77
N GLN A 124 4.82 31.74 -34.62
CA GLN A 124 5.00 33.09 -34.10
C GLN A 124 3.74 33.52 -33.36
N VAL A 125 3.93 34.07 -32.17
CA VAL A 125 2.87 34.28 -31.21
C VAL A 125 2.59 35.77 -31.08
N TYR A 126 1.34 36.11 -30.78
CA TYR A 126 0.91 37.49 -30.58
C TYR A 126 0.24 37.60 -29.24
N THR A 127 0.21 38.80 -28.69
CA THR A 127 -0.39 39.04 -27.37
C THR A 127 -1.47 40.10 -27.49
N LEU A 128 -2.71 39.65 -27.59
CA LEU A 128 -3.80 40.61 -27.75
C LEU A 128 -4.19 41.18 -26.39
N PRO A 129 -4.46 42.48 -26.32
CA PRO A 129 -4.61 43.16 -25.03
C PRO A 129 -6.03 43.05 -24.51
N PRO A 130 -6.31 43.54 -23.30
CA PRO A 130 -7.70 43.59 -22.83
C PRO A 130 -8.56 44.47 -23.73
N SER A 131 -9.73 43.95 -24.11
CA SER A 131 -10.64 44.72 -24.93
C SER A 131 -11.13 45.95 -24.16
N ARG A 132 -11.30 47.05 -24.89
CA ARG A 132 -11.53 48.35 -24.26
C ARG A 132 -12.70 48.34 -23.28
N GLU A 133 -13.87 47.85 -23.72
CA GLU A 133 -15.05 47.93 -22.87
C GLU A 133 -14.95 47.04 -21.64
N GLU A 134 -14.19 45.94 -21.72
CA GLU A 134 -13.97 45.08 -20.57
C GLU A 134 -12.81 45.63 -19.75
N LEU A 135 -13.05 46.80 -19.17
CA LEU A 135 -12.09 47.43 -18.27
C LEU A 135 -12.88 48.16 -17.18
N THR A 136 -13.99 48.78 -17.55
CA THR A 136 -14.89 49.41 -16.59
C THR A 136 -15.56 48.37 -15.70
N LYS A 137 -14.95 47.20 -15.56
CA LYS A 137 -15.43 46.11 -14.75
C LYS A 137 -14.29 45.57 -13.88
N ASN A 138 -14.64 44.66 -12.97
CA ASN A 138 -13.82 44.25 -11.84
C ASN A 138 -12.38 43.90 -12.21
N GLN A 139 -12.13 42.69 -12.69
CA GLN A 139 -10.82 42.30 -13.18
C GLN A 139 -10.86 42.14 -14.69
N VAL A 140 -9.69 42.21 -15.31
CA VAL A 140 -9.59 42.19 -16.77
C VAL A 140 -8.73 41.01 -17.19
N SER A 141 -8.67 40.78 -18.50
CA SER A 141 -8.14 39.53 -19.04
C SER A 141 -7.17 39.81 -20.19
N LEU A 142 -5.92 39.37 -20.03
CA LEU A 142 -4.98 39.32 -21.13
C LEU A 142 -5.25 38.10 -21.99
N THR A 143 -4.75 38.15 -23.22
CA THR A 143 -4.86 37.04 -24.16
C THR A 143 -3.53 36.86 -24.87
N CYS A 144 -3.19 35.60 -25.15
CA CYS A 144 -1.96 35.25 -25.87
C CYS A 144 -2.34 34.24 -26.95
N LEU A 145 -2.26 34.67 -28.21
CA LEU A 145 -2.69 33.89 -29.36
C LEU A 145 -1.48 33.23 -30.02
N VAL A 146 -1.47 31.89 -30.02
CA VAL A 146 -0.49 31.10 -30.75
C VAL A 146 -1.19 30.54 -31.98
N LYS A 147 -0.53 30.62 -33.13
CA LYS A 147 -1.20 30.34 -34.39
C LYS A 147 -0.25 29.70 -35.40
N GLY A 148 -0.77 28.71 -36.11
CA GLY A 148 -0.16 28.23 -37.33
C GLY A 148 0.83 27.09 -37.20
N PHE A 149 0.86 26.37 -36.08
CA PHE A 149 1.95 25.43 -35.89
C PHE A 149 1.47 23.98 -35.96
N TYR A 150 2.38 23.07 -35.63
CA TYR A 150 2.14 21.62 -35.62
C TYR A 150 3.47 20.97 -35.30
N PRO A 151 3.50 19.92 -34.46
CA PRO A 151 2.40 19.17 -33.86
C PRO A 151 1.84 19.81 -32.59
N SER A 152 1.18 19.01 -31.76
CA SER A 152 0.54 19.50 -30.54
C SER A 152 1.40 19.27 -29.30
N ASP A 153 2.72 19.33 -29.45
CA ASP A 153 3.63 19.25 -28.31
C ASP A 153 4.11 20.65 -27.93
N ILE A 154 3.16 21.46 -27.46
CA ILE A 154 3.40 22.85 -27.12
C ILE A 154 3.12 23.04 -25.63
N VAL A 155 3.70 24.09 -25.07
CA VAL A 155 3.39 24.50 -23.70
C VAL A 155 3.40 26.02 -23.61
N VAL A 156 2.37 26.58 -22.96
CA VAL A 156 2.23 28.01 -22.79
C VAL A 156 2.22 28.30 -21.29
N GLU A 157 2.98 29.32 -20.88
CA GLU A 157 3.07 29.73 -19.48
C GLU A 157 3.09 31.25 -19.44
N TRP A 158 2.75 31.80 -18.27
CA TRP A 158 2.72 33.24 -18.07
C TRP A 158 3.78 33.63 -17.04
N GLU A 159 4.26 34.87 -17.13
CA GLU A 159 5.27 35.36 -16.19
C GLU A 159 4.97 36.81 -15.84
N SER A 160 5.22 37.16 -14.59
CA SER A 160 5.13 38.56 -14.20
C SER A 160 6.38 38.93 -13.43
N SER A 161 6.95 40.09 -13.75
CA SER A 161 8.23 40.53 -13.21
C SER A 161 9.31 39.49 -13.48
N GLY A 162 9.29 38.39 -12.72
CA GLY A 162 10.25 37.34 -12.89
C GLY A 162 9.82 36.05 -12.23
N GLN A 163 8.58 36.01 -11.76
CA GLN A 163 8.06 34.80 -11.17
C GLN A 163 6.80 34.38 -11.92
N PRO A 164 6.59 33.08 -12.08
CA PRO A 164 5.41 32.60 -12.82
C PRO A 164 4.12 33.00 -12.13
N GLU A 165 3.12 33.32 -12.95
CA GLU A 165 1.85 33.83 -12.47
C GLU A 165 0.88 32.69 -12.13
N ASN A 166 -0.10 33.03 -11.30
CA ASN A 166 -1.10 32.10 -10.79
C ASN A 166 -2.26 31.92 -11.78
N THR A 167 -3.14 32.93 -11.85
CA THR A 167 -4.49 32.83 -12.41
C THR A 167 -4.52 32.76 -13.93
N TYR A 168 -4.31 31.57 -14.50
CA TYR A 168 -4.33 31.48 -15.95
C TYR A 168 -4.79 30.12 -16.46
N LYS A 169 -5.57 30.15 -17.54
CA LYS A 169 -6.03 28.92 -18.19
C LYS A 169 -5.75 28.94 -19.69
N THR A 170 -5.74 27.75 -20.27
CA THR A 170 -5.32 27.56 -21.64
C THR A 170 -6.38 26.79 -22.43
N THR A 171 -6.61 27.25 -23.65
CA THR A 171 -7.48 26.60 -24.62
C THR A 171 -6.72 25.46 -25.30
N PRO A 172 -7.37 24.32 -25.54
CA PRO A 172 -6.69 23.21 -26.21
C PRO A 172 -6.41 23.54 -27.66
N PRO A 173 -5.45 22.85 -28.28
CA PRO A 173 -5.15 23.10 -29.70
C PRO A 173 -6.34 22.76 -30.59
N VAL A 174 -6.50 23.54 -31.64
CA VAL A 174 -7.52 23.23 -32.63
C VAL A 174 -6.93 23.35 -34.03
N LEU A 175 -7.44 22.50 -34.94
CA LEU A 175 -6.94 22.37 -36.31
C LEU A 175 -7.47 23.49 -37.17
N ASP A 176 -6.55 24.29 -37.71
CA ASP A 176 -6.88 25.44 -38.51
C ASP A 176 -7.12 25.00 -39.96
N SER A 177 -7.36 25.97 -40.83
CA SER A 177 -7.69 25.68 -42.23
C SER A 177 -6.52 25.03 -42.95
N ASP A 178 -5.30 25.54 -42.75
CA ASP A 178 -4.13 25.11 -43.51
C ASP A 178 -3.32 24.03 -42.81
N GLY A 179 -3.99 23.10 -42.13
CA GLY A 179 -3.30 21.98 -41.49
C GLY A 179 -2.36 22.42 -40.39
N SER A 180 -2.87 23.21 -39.46
CA SER A 180 -2.08 23.69 -38.35
C SER A 180 -3.00 23.94 -37.16
N TYR A 181 -2.39 24.06 -36.00
CA TYR A 181 -3.08 24.24 -34.74
C TYR A 181 -2.85 25.64 -34.21
N PHE A 182 -3.80 26.04 -33.37
CA PHE A 182 -3.74 27.31 -32.66
C PHE A 182 -4.47 27.19 -31.31
N LEU A 183 -4.14 28.10 -30.39
CA LEU A 183 -4.76 28.20 -29.07
C LEU A 183 -4.75 29.65 -28.61
N TYR A 184 -5.60 29.93 -27.61
CA TYR A 184 -5.82 31.26 -27.02
C TYR A 184 -5.62 31.17 -25.51
N SER A 185 -4.41 31.48 -25.05
CA SER A 185 -4.08 31.40 -23.62
C SER A 185 -4.64 32.63 -22.91
N LYS A 186 -5.56 32.41 -21.96
CA LYS A 186 -6.14 33.52 -21.21
C LYS A 186 -5.47 33.66 -19.84
N LEU A 187 -5.30 34.92 -19.43
CA LEU A 187 -4.75 35.28 -18.13
C LEU A 187 -5.60 36.40 -17.52
N THR A 188 -6.27 36.09 -16.41
CA THR A 188 -7.00 37.09 -15.65
C THR A 188 -6.06 37.80 -14.67
N VAL A 189 -6.11 39.13 -14.68
CA VAL A 189 -5.32 39.96 -13.77
C VAL A 189 -6.20 41.08 -13.23
N ASP A 190 -5.86 41.56 -12.04
CA ASP A 190 -6.61 42.64 -11.43
C ASP A 190 -6.49 43.90 -12.29
N LYS A 191 -7.64 44.53 -12.56
CA LYS A 191 -7.63 45.80 -13.30
C LYS A 191 -6.74 46.82 -12.61
N SER A 192 -6.73 46.83 -11.28
CA SER A 192 -5.84 47.74 -10.57
C SER A 192 -4.38 47.44 -10.87
N ARG A 193 -4.03 46.16 -10.96
CA ARG A 193 -2.65 45.74 -11.17
C ARG A 193 -2.22 45.84 -12.64
N TRP A 194 -3.15 46.07 -13.56
CA TRP A 194 -2.84 46.19 -14.97
C TRP A 194 -2.93 47.62 -15.49
N GLN A 195 -4.01 48.33 -15.14
CA GLN A 195 -4.21 49.69 -15.62
C GLN A 195 -3.08 50.61 -15.17
N GLN A 196 -2.66 50.50 -13.90
CA GLN A 196 -1.58 51.34 -13.41
C GLN A 196 -0.27 51.06 -14.14
N GLY A 197 -0.04 49.80 -14.51
CA GLY A 197 1.11 49.47 -15.32
C GLY A 197 2.05 48.44 -14.73
N ASN A 198 2.04 47.23 -15.30
CA ASN A 198 3.00 46.18 -14.98
C ASN A 198 3.32 45.41 -16.25
N VAL A 199 4.39 44.63 -16.20
CA VAL A 199 4.92 43.91 -17.36
C VAL A 199 4.55 42.43 -17.25
N PHE A 200 3.82 41.92 -18.24
CA PHE A 200 3.44 40.51 -18.26
C PHE A 200 3.92 39.86 -19.54
N SER A 201 4.58 38.71 -19.42
CA SER A 201 5.22 38.04 -20.56
C SER A 201 4.63 36.65 -20.74
N CYS A 202 4.04 36.41 -21.91
CA CYS A 202 3.53 35.09 -22.29
C CYS A 202 4.66 34.31 -22.94
N SER A 203 5.16 33.28 -22.27
CA SER A 203 6.23 32.45 -22.77
C SER A 203 5.66 31.13 -23.31
N VAL A 204 6.30 30.61 -24.35
CA VAL A 204 5.84 29.38 -24.99
C VAL A 204 7.04 28.55 -25.39
N MET A 205 6.92 27.23 -25.24
CA MET A 205 7.94 26.28 -25.64
C MET A 205 7.36 25.24 -26.58
N HIS A 206 8.19 24.82 -27.53
CA HIS A 206 7.79 24.01 -28.68
C HIS A 206 9.07 23.63 -29.41
N GLU A 207 8.97 22.68 -30.33
CA GLU A 207 10.14 22.09 -30.96
C GLU A 207 10.59 22.81 -32.24
N ALA A 208 10.01 23.98 -32.55
CA ALA A 208 10.35 24.68 -33.79
C ALA A 208 10.48 26.18 -33.54
N LEU A 209 11.25 26.55 -32.53
CA LEU A 209 11.46 27.97 -32.21
C LEU A 209 12.93 28.27 -31.97
N HIS A 210 13.22 29.48 -31.51
CA HIS A 210 14.58 29.89 -31.15
C HIS A 210 15.19 28.94 -30.13
N ASN A 211 15.46 27.70 -30.56
CA ASN A 211 15.96 26.63 -29.69
C ASN A 211 15.03 26.42 -28.49
N HIS A 212 13.80 26.02 -28.83
CA HIS A 212 12.76 25.49 -27.92
C HIS A 212 11.98 26.52 -27.12
N TYR A 213 12.16 27.82 -27.34
CA TYR A 213 11.55 28.78 -26.42
C TYR A 213 11.34 30.13 -27.08
N THR A 214 10.31 30.84 -26.64
CA THR A 214 10.22 32.29 -26.84
C THR A 214 9.26 32.86 -25.80
N GLN A 215 9.15 34.19 -25.78
CA GLN A 215 8.21 34.87 -24.90
C GLN A 215 7.92 36.25 -25.49
N LYS A 216 6.70 36.73 -25.24
CA LYS A 216 6.27 38.04 -25.73
C LYS A 216 5.62 38.81 -24.58
N SER A 217 6.10 40.02 -24.34
CA SER A 217 5.65 40.83 -23.22
C SER A 217 4.44 41.68 -23.62
N LEU A 218 3.91 42.39 -22.63
CA LEU A 218 2.78 43.30 -22.85
C LEU A 218 2.58 44.15 -21.60
N SER A 219 2.11 45.38 -21.86
CA SER A 219 1.68 46.34 -20.84
C SER A 219 0.82 47.42 -21.51
N VAL A 220 1.15 48.69 -21.28
CA VAL A 220 0.48 49.79 -21.97
C VAL A 220 1.33 51.06 -21.91
N LEU B 11 -18.96 -11.57 -33.98
CA LEU B 11 -19.99 -10.56 -34.19
C LEU B 11 -20.92 -10.52 -32.97
N LEU B 12 -21.95 -9.68 -33.03
CA LEU B 12 -23.01 -9.57 -32.00
C LEU B 12 -22.37 -9.13 -30.68
N GLY B 13 -22.61 -9.83 -29.57
CA GLY B 13 -22.25 -9.34 -28.25
C GLY B 13 -23.29 -8.46 -27.59
N GLY B 14 -24.47 -8.32 -28.18
CA GLY B 14 -25.47 -7.43 -27.66
C GLY B 14 -25.29 -6.01 -28.20
N PRO B 15 -26.31 -5.50 -28.88
CA PRO B 15 -26.23 -4.15 -29.46
C PRO B 15 -26.35 -3.02 -28.44
N SER B 16 -26.14 -1.80 -28.92
CA SER B 16 -26.13 -0.62 -28.08
C SER B 16 -27.00 0.49 -28.66
N VAL B 17 -27.13 1.55 -27.87
CA VAL B 17 -27.96 2.71 -28.18
C VAL B 17 -27.13 3.97 -27.99
N PHE B 18 -27.47 5.03 -28.72
CA PHE B 18 -26.97 6.36 -28.39
C PHE B 18 -28.05 7.40 -28.62
N LEU B 19 -28.04 8.42 -27.77
CA LEU B 19 -29.07 9.44 -27.72
C LEU B 19 -28.40 10.78 -27.47
N PHE B 20 -28.44 11.67 -28.45
CA PHE B 20 -27.83 12.99 -28.30
C PHE B 20 -28.87 14.09 -28.28
N PRO B 21 -28.56 15.23 -27.66
CA PRO B 21 -29.47 16.37 -27.72
C PRO B 21 -29.42 17.02 -29.10
N PRO B 22 -30.27 18.01 -29.37
CA PRO B 22 -30.17 18.73 -30.63
C PRO B 22 -29.04 19.75 -30.58
N LYS B 23 -28.69 20.24 -31.78
CA LYS B 23 -27.65 21.24 -31.88
C LYS B 23 -28.18 22.59 -31.36
N PRO B 24 -27.29 23.44 -30.85
CA PRO B 24 -27.75 24.63 -30.11
C PRO B 24 -28.54 25.62 -30.95
N LYS B 25 -28.13 25.87 -32.19
CA LYS B 25 -28.86 26.84 -33.00
C LYS B 25 -30.31 26.43 -33.18
N ASP B 26 -30.54 25.14 -33.43
CA ASP B 26 -31.91 24.65 -33.59
C ASP B 26 -32.67 24.71 -32.28
N THR B 27 -32.00 24.49 -31.14
CA THR B 27 -32.77 24.48 -29.91
C THR B 27 -33.12 25.87 -29.39
N LEU B 28 -32.25 26.87 -29.58
CA LEU B 28 -32.51 28.19 -28.99
C LEU B 28 -33.44 29.04 -29.87
N MET B 29 -32.91 29.52 -30.99
CA MET B 29 -33.64 30.35 -31.94
C MET B 29 -35.00 29.73 -32.33
N ILE B 30 -36.01 30.60 -32.41
CA ILE B 30 -37.37 30.15 -32.73
C ILE B 30 -37.45 29.68 -34.18
N SER B 31 -38.40 28.80 -34.46
CA SER B 31 -38.83 28.38 -35.79
C SER B 31 -37.79 27.53 -36.52
N ARG B 32 -36.75 27.09 -35.83
CA ARG B 32 -35.80 26.12 -36.36
C ARG B 32 -36.08 24.78 -35.68
N THR B 33 -36.75 23.88 -36.40
CA THR B 33 -37.19 22.59 -35.90
C THR B 33 -36.06 21.85 -35.18
N PRO B 34 -36.12 21.76 -33.85
CA PRO B 34 -35.07 21.04 -33.12
C PRO B 34 -35.31 19.54 -33.14
N GLU B 35 -34.23 18.80 -33.37
CA GLU B 35 -34.27 17.35 -33.48
C GLU B 35 -34.15 16.73 -32.08
N VAL B 36 -34.03 15.40 -32.05
CA VAL B 36 -33.54 14.49 -30.99
C VAL B 36 -33.51 13.10 -31.60
N THR B 37 -32.33 12.50 -31.69
CA THR B 37 -32.15 11.27 -32.44
C THR B 37 -31.74 10.12 -31.52
N CYS B 38 -32.03 8.91 -31.97
CA CYS B 38 -31.58 7.70 -31.29
C CYS B 38 -30.93 6.77 -32.27
N VAL B 39 -29.62 6.78 -32.29
CA VAL B 39 -28.94 5.84 -33.16
C VAL B 39 -28.93 4.50 -32.43
N VAL B 40 -28.96 3.42 -33.21
CA VAL B 40 -28.83 2.03 -32.66
C VAL B 40 -27.73 1.35 -33.47
N VAL B 41 -26.47 1.44 -33.03
CA VAL B 41 -25.33 0.86 -33.83
C VAL B 41 -25.06 -0.59 -33.41
N ASP B 42 -24.52 -1.39 -34.33
CA ASP B 42 -24.16 -2.80 -34.03
C ASP B 42 -25.47 -3.59 -33.89
N VAL B 43 -26.18 -3.68 -35.01
CA VAL B 43 -27.46 -4.42 -35.22
C VAL B 43 -27.15 -5.36 -36.39
N SER B 44 -27.48 -6.65 -36.39
CA SER B 44 -27.04 -7.38 -37.60
C SER B 44 -27.56 -8.80 -37.78
N GLN B 45 -27.12 -9.35 -38.93
CA GLN B 45 -27.25 -10.70 -39.56
C GLN B 45 -28.59 -11.45 -39.45
N GLU B 46 -29.16 -11.60 -38.26
CA GLU B 46 -30.28 -12.51 -38.05
C GLU B 46 -31.59 -11.74 -37.99
N ASP B 47 -31.67 -10.72 -38.82
CA ASP B 47 -32.86 -9.90 -38.99
C ASP B 47 -33.46 -9.34 -37.68
N PRO B 48 -32.65 -8.71 -36.81
CA PRO B 48 -33.24 -8.03 -35.66
C PRO B 48 -33.82 -6.68 -36.09
N ASP B 49 -35.04 -6.40 -35.65
CA ASP B 49 -35.85 -5.33 -36.22
C ASP B 49 -35.80 -4.05 -35.38
N VAL B 50 -36.74 -3.15 -35.64
CA VAL B 50 -36.75 -1.78 -35.13
C VAL B 50 -37.51 -1.68 -33.79
N LYS B 51 -38.66 -0.99 -33.81
CA LYS B 51 -39.54 -0.78 -32.66
C LYS B 51 -38.97 0.20 -31.66
N PHE B 52 -39.36 1.48 -31.80
CA PHE B 52 -39.03 2.54 -30.87
C PHE B 52 -40.27 2.98 -30.10
N ASN B 53 -40.03 3.73 -29.02
CA ASN B 53 -41.10 4.35 -28.23
C ASN B 53 -40.54 5.38 -27.26
N TRP B 54 -40.85 6.65 -27.48
CA TRP B 54 -40.31 7.71 -26.64
C TRP B 54 -41.25 8.09 -25.50
N TYR B 55 -40.67 8.73 -24.50
CA TYR B 55 -41.43 9.33 -23.41
C TYR B 55 -40.76 10.65 -23.03
N VAL B 56 -41.52 11.51 -22.38
CA VAL B 56 -40.96 12.66 -21.67
C VAL B 56 -41.11 12.50 -20.16
N ASN B 57 -42.05 11.67 -19.70
CA ASN B 57 -42.34 11.22 -18.35
C ASN B 57 -43.72 10.62 -18.46
N GLY B 58 -43.92 9.84 -19.52
CA GLY B 58 -45.23 9.48 -20.04
C GLY B 58 -45.52 10.28 -21.30
N ALA B 59 -45.62 9.60 -22.45
CA ALA B 59 -45.82 10.32 -23.72
C ALA B 59 -46.40 9.44 -24.83
N GLU B 60 -45.91 9.61 -26.06
CA GLU B 60 -46.53 9.03 -27.23
C GLU B 60 -45.56 9.06 -28.41
N VAL B 61 -45.84 8.26 -29.44
CA VAL B 61 -44.96 8.06 -30.57
C VAL B 61 -45.16 9.25 -31.52
N HIS B 62 -45.53 8.96 -32.77
CA HIS B 62 -45.94 9.91 -33.81
C HIS B 62 -44.84 10.89 -34.20
N HIS B 63 -43.67 10.78 -33.58
CA HIS B 63 -42.63 11.80 -33.74
C HIS B 63 -41.32 11.18 -34.19
N ALA B 64 -41.34 10.41 -35.28
CA ALA B 64 -40.12 9.75 -35.73
C ALA B 64 -40.20 9.20 -37.14
N GLN B 65 -40.58 7.92 -37.24
CA GLN B 65 -40.46 7.10 -38.45
C GLN B 65 -39.03 7.07 -38.97
N THR B 66 -38.38 5.92 -38.74
CA THR B 66 -36.98 5.68 -39.09
C THR B 66 -36.62 6.06 -40.51
N LYS B 67 -35.33 6.25 -40.77
CA LYS B 67 -34.86 6.41 -42.14
C LYS B 67 -33.92 5.27 -42.48
N PRO B 68 -34.33 4.39 -43.43
CA PRO B 68 -33.69 3.08 -43.71
C PRO B 68 -32.46 2.56 -42.98
N ARG B 69 -31.69 1.75 -43.70
CA ARG B 69 -30.79 0.76 -43.10
C ARG B 69 -29.36 1.03 -43.54
N GLU B 70 -28.76 2.10 -43.04
CA GLU B 70 -27.36 2.32 -43.40
C GLU B 70 -26.52 1.17 -42.89
N THR B 71 -25.65 0.65 -43.75
CA THR B 71 -24.83 -0.51 -43.39
C THR B 71 -23.36 -0.20 -43.66
N GLN B 72 -23.05 0.16 -44.90
CA GLN B 72 -21.72 0.59 -45.32
C GLN B 72 -20.65 -0.47 -45.05
N TYR B 73 -20.00 -0.42 -43.88
CA TYR B 73 -18.85 -1.30 -43.67
C TYR B 73 -18.73 -1.69 -42.18
N ASN B 74 -19.33 -2.83 -41.84
CA ASN B 74 -18.96 -3.76 -40.77
C ASN B 74 -20.19 -4.61 -40.51
N SER B 75 -21.03 -4.72 -41.55
CA SER B 75 -22.23 -5.56 -41.58
C SER B 75 -23.08 -5.35 -40.32
N THR B 76 -23.62 -4.13 -40.22
CA THR B 76 -24.54 -3.85 -39.13
C THR B 76 -25.57 -2.80 -39.56
N TYR B 77 -26.64 -3.30 -40.16
CA TYR B 77 -27.95 -2.67 -40.34
C TYR B 77 -28.21 -1.51 -39.37
N ARG B 78 -27.72 -0.32 -39.67
CA ARG B 78 -27.75 0.81 -38.73
C ARG B 78 -29.04 1.61 -38.85
N VAL B 79 -29.70 1.87 -37.71
CA VAL B 79 -31.02 2.49 -37.68
C VAL B 79 -31.01 3.69 -36.74
N VAL B 80 -31.72 4.75 -37.13
CA VAL B 80 -31.89 5.93 -36.28
C VAL B 80 -33.27 6.53 -36.56
N SER B 81 -33.84 7.19 -35.55
CA SER B 81 -35.09 7.89 -35.67
C SER B 81 -35.04 9.17 -34.82
N VAL B 82 -35.89 10.12 -35.19
CA VAL B 82 -35.85 11.48 -34.66
C VAL B 82 -36.96 11.72 -33.65
N LEU B 83 -37.08 12.97 -33.18
CA LEU B 83 -38.19 13.39 -32.34
C LEU B 83 -38.27 14.92 -32.41
N THR B 84 -39.42 15.44 -32.83
CA THR B 84 -39.59 16.88 -33.04
C THR B 84 -39.98 17.53 -31.71
N VAL B 85 -39.02 18.20 -31.08
CA VAL B 85 -39.19 18.78 -29.76
C VAL B 85 -39.74 20.20 -29.89
N THR B 86 -40.36 20.69 -28.81
CA THR B 86 -40.84 22.06 -28.72
C THR B 86 -39.70 22.96 -28.21
N HIS B 87 -39.99 24.26 -28.06
CA HIS B 87 -39.02 25.21 -27.49
C HIS B 87 -39.36 25.55 -26.04
N GLN B 88 -40.52 26.17 -25.81
CA GLN B 88 -41.00 26.42 -24.45
C GLN B 88 -41.28 25.09 -23.77
N ASP B 89 -40.26 24.25 -23.68
CA ASP B 89 -40.33 22.80 -23.57
C ASP B 89 -38.98 22.28 -24.04
N TRP B 90 -38.26 21.58 -23.16
CA TRP B 90 -36.79 21.45 -23.22
C TRP B 90 -36.18 22.75 -22.73
N LEU B 91 -34.92 22.70 -22.28
CA LEU B 91 -34.26 23.82 -21.60
C LEU B 91 -35.17 24.45 -20.54
N ASN B 92 -36.04 23.62 -19.96
CA ASN B 92 -37.13 24.10 -19.11
C ASN B 92 -37.52 23.04 -18.08
N GLY B 93 -37.17 21.78 -18.35
CA GLY B 93 -37.40 20.73 -17.37
C GLY B 93 -37.51 19.31 -17.87
N LYS B 94 -38.11 19.10 -19.05
CA LYS B 94 -38.48 17.76 -19.49
C LYS B 94 -37.27 16.84 -19.63
N GLU B 95 -37.55 15.54 -19.70
CA GLU B 95 -36.58 14.49 -19.44
C GLU B 95 -36.17 13.72 -20.70
N TYR B 96 -37.13 13.12 -21.40
CA TYR B 96 -36.93 12.37 -22.65
C TYR B 96 -36.27 11.00 -22.45
N THR B 97 -36.91 9.97 -22.99
CA THR B 97 -36.37 8.60 -23.04
C THR B 97 -36.74 8.00 -24.40
N CYS B 98 -35.92 7.05 -24.87
CA CYS B 98 -36.14 6.44 -26.18
C CYS B 98 -36.77 5.05 -26.13
N LYS B 99 -36.68 4.36 -24.99
CA LYS B 99 -37.12 2.97 -24.80
C LYS B 99 -37.02 2.13 -26.08
N VAL B 100 -35.82 1.71 -26.43
CA VAL B 100 -35.65 0.83 -27.58
C VAL B 100 -35.89 -0.61 -27.14
N SER B 101 -36.11 -1.48 -28.12
CA SER B 101 -36.31 -2.90 -27.85
C SER B 101 -35.98 -3.69 -29.11
N ASN B 102 -35.65 -4.96 -28.91
CA ASN B 102 -35.21 -5.80 -30.01
C ASN B 102 -35.14 -7.25 -29.54
N LYS B 103 -35.27 -8.17 -30.51
CA LYS B 103 -35.28 -9.60 -30.18
C LYS B 103 -33.98 -10.03 -29.53
N ALA B 104 -32.85 -9.56 -30.03
CA ALA B 104 -31.55 -10.02 -29.56
C ALA B 104 -31.11 -9.36 -28.26
N LEU B 105 -31.79 -8.30 -27.83
CA LEU B 105 -31.44 -7.64 -26.57
C LEU B 105 -32.43 -8.05 -25.50
N PRO B 106 -32.01 -8.69 -24.42
CA PRO B 106 -32.95 -9.21 -23.43
C PRO B 106 -33.27 -8.19 -22.33
N ALA B 107 -33.46 -6.93 -22.73
CA ALA B 107 -33.82 -5.86 -21.80
C ALA B 107 -34.13 -4.59 -22.59
N PRO B 108 -35.37 -4.11 -22.53
CA PRO B 108 -35.67 -2.80 -23.12
C PRO B 108 -34.93 -1.68 -22.41
N ILE B 109 -33.71 -1.40 -22.86
CA ILE B 109 -32.87 -0.39 -22.27
C ILE B 109 -32.96 0.87 -23.11
N GLN B 110 -32.51 1.99 -22.55
CA GLN B 110 -32.65 3.30 -23.18
C GLN B 110 -31.94 4.36 -22.36
N LYS B 111 -31.30 5.33 -23.00
CA LYS B 111 -30.68 6.39 -22.22
C LYS B 111 -31.67 7.55 -22.08
N THR B 112 -31.42 8.38 -21.08
CA THR B 112 -32.11 9.64 -20.88
C THR B 112 -31.20 10.80 -21.29
N ILE B 113 -31.74 12.01 -21.25
CA ILE B 113 -30.92 13.18 -21.54
C ILE B 113 -31.43 14.37 -20.72
N SER B 114 -31.66 15.52 -21.38
CA SER B 114 -31.86 16.81 -20.73
C SER B 114 -30.60 17.24 -20.00
N LYS B 115 -30.70 17.46 -18.70
CA LYS B 115 -29.59 17.84 -17.80
C LYS B 115 -28.95 19.13 -18.35
N ASP B 116 -27.62 19.23 -18.33
CA ASP B 116 -26.85 20.47 -18.19
C ASP B 116 -27.70 21.65 -17.71
N LYS B 117 -27.66 21.91 -16.40
CA LYS B 117 -28.50 22.90 -15.75
C LYS B 117 -27.66 24.01 -15.12
N GLY B 118 -28.25 24.80 -14.22
CA GLY B 118 -27.49 25.66 -13.33
C GLY B 118 -26.99 26.95 -13.96
N GLN B 119 -26.39 27.78 -13.08
CA GLN B 119 -25.80 29.12 -13.24
C GLN B 119 -25.78 29.66 -14.66
N PRO B 120 -26.92 30.02 -15.25
CA PRO B 120 -26.86 30.79 -16.48
C PRO B 120 -26.63 32.25 -16.12
N ARG B 121 -25.90 32.98 -16.96
CA ARG B 121 -25.79 34.42 -16.72
C ARG B 121 -25.11 35.09 -17.90
N GLU B 122 -25.14 36.43 -17.89
CA GLU B 122 -24.58 37.35 -18.87
C GLU B 122 -23.21 36.91 -19.35
N PRO B 123 -23.11 36.38 -20.57
CA PRO B 123 -21.80 36.12 -21.17
C PRO B 123 -21.28 37.32 -21.96
N GLN B 124 -21.12 38.44 -21.25
CA GLN B 124 -20.71 39.69 -21.89
C GLN B 124 -19.45 39.46 -22.72
N VAL B 125 -19.59 39.60 -24.02
CA VAL B 125 -18.59 39.18 -24.99
C VAL B 125 -17.62 40.32 -25.27
N TYR B 126 -16.35 39.98 -25.43
CA TYR B 126 -15.26 40.94 -25.55
C TYR B 126 -14.42 40.56 -26.76
N THR B 127 -14.47 41.37 -27.81
CA THR B 127 -13.71 41.12 -29.02
C THR B 127 -12.48 42.01 -29.07
N LEU B 128 -11.58 41.71 -30.00
CA LEU B 128 -10.23 42.23 -29.97
C LEU B 128 -9.77 42.59 -31.37
N PRO B 129 -8.72 43.42 -31.47
CA PRO B 129 -8.13 43.70 -32.78
C PRO B 129 -6.92 42.82 -33.02
N PRO B 130 -6.32 42.89 -34.22
CA PRO B 130 -5.02 42.22 -34.41
C PRO B 130 -3.96 42.79 -33.49
N SER B 131 -2.78 42.16 -33.51
CA SER B 131 -1.72 42.47 -32.56
C SER B 131 -0.45 42.92 -33.27
N ARG B 132 -0.36 44.22 -33.54
CA ARG B 132 0.89 44.88 -33.92
C ARG B 132 1.66 44.09 -34.97
N GLU B 133 2.42 43.09 -34.53
CA GLU B 133 3.27 42.33 -35.43
C GLU B 133 2.45 41.59 -36.49
N GLU B 134 1.24 41.16 -36.15
CA GLU B 134 0.33 40.55 -37.13
C GLU B 134 0.26 41.38 -38.40
N LEU B 135 0.41 42.70 -38.28
CA LEU B 135 0.23 43.58 -39.43
C LEU B 135 1.22 43.31 -40.56
N THR B 136 2.29 42.54 -40.33
CA THR B 136 3.21 42.31 -41.44
C THR B 136 2.69 41.23 -42.40
N LYS B 137 2.31 40.06 -41.88
CA LYS B 137 1.90 38.96 -42.74
C LYS B 137 0.64 39.33 -43.51
N ASN B 138 0.47 38.71 -44.68
CA ASN B 138 -0.64 39.04 -45.56
C ASN B 138 -1.99 38.75 -44.92
N GLN B 139 -2.03 38.05 -43.80
CA GLN B 139 -3.29 37.62 -43.19
C GLN B 139 -3.24 37.87 -41.69
N VAL B 140 -4.26 38.54 -41.17
CA VAL B 140 -4.41 38.84 -39.75
C VAL B 140 -5.72 38.23 -39.27
N SER B 141 -5.77 37.91 -37.97
CA SER B 141 -6.91 37.20 -37.41
C SER B 141 -7.57 38.03 -36.30
N LEU B 142 -8.84 38.37 -36.51
CA LEU B 142 -9.66 38.98 -35.47
C LEU B 142 -10.04 37.95 -34.42
N THR B 143 -10.19 38.40 -33.19
CA THR B 143 -10.42 37.53 -32.04
C THR B 143 -11.69 37.95 -31.32
N CYS B 144 -12.43 36.98 -30.79
CA CYS B 144 -13.67 37.23 -30.06
C CYS B 144 -13.72 36.27 -28.88
N LEU B 145 -13.60 36.79 -27.66
CA LEU B 145 -13.66 36.00 -26.43
C LEU B 145 -15.05 36.10 -25.83
N VAL B 146 -15.54 34.99 -25.29
CA VAL B 146 -16.80 34.97 -24.54
C VAL B 146 -16.54 34.32 -23.19
N LYS B 147 -16.98 34.99 -22.13
CA LYS B 147 -16.88 34.42 -20.78
C LYS B 147 -18.05 34.90 -19.94
N GLY B 148 -18.43 34.07 -18.97
CA GLY B 148 -19.56 34.39 -18.11
C GLY B 148 -20.81 33.64 -18.51
N PHE B 149 -20.67 32.36 -18.85
CA PHE B 149 -21.78 31.53 -19.27
C PHE B 149 -21.51 30.11 -18.79
N TYR B 150 -22.53 29.48 -18.21
CA TYR B 150 -22.28 28.14 -17.67
C TYR B 150 -22.99 27.02 -18.42
N PRO B 151 -24.25 27.20 -18.92
CA PRO B 151 -24.79 26.17 -19.82
C PRO B 151 -23.77 25.80 -20.87
N SER B 152 -23.26 24.57 -20.76
CA SER B 152 -21.94 24.21 -21.29
C SER B 152 -21.75 24.66 -22.73
N ASP B 153 -22.76 24.49 -23.57
CA ASP B 153 -22.63 24.76 -24.98
C ASP B 153 -23.29 26.09 -25.36
N ILE B 154 -23.02 26.51 -26.59
CA ILE B 154 -23.21 27.89 -27.01
C ILE B 154 -22.99 27.91 -28.51
N VAL B 155 -23.44 28.98 -29.18
CA VAL B 155 -23.12 29.11 -30.60
C VAL B 155 -22.48 30.47 -30.86
N VAL B 156 -21.46 30.46 -31.71
CA VAL B 156 -20.69 31.63 -32.07
C VAL B 156 -20.48 31.63 -33.58
N GLU B 157 -20.78 32.76 -34.22
CA GLU B 157 -20.62 32.92 -35.66
C GLU B 157 -20.03 34.28 -35.94
N TRP B 158 -19.72 34.52 -37.22
CA TRP B 158 -19.16 35.78 -37.66
C TRP B 158 -19.96 36.32 -38.85
N GLU B 159 -20.00 37.66 -38.96
CA GLU B 159 -20.55 38.32 -40.13
C GLU B 159 -19.68 39.52 -40.46
N SER B 160 -19.68 39.89 -41.74
CA SER B 160 -19.03 41.11 -42.22
C SER B 160 -20.06 41.86 -43.05
N SER B 161 -20.73 42.83 -42.42
CA SER B 161 -21.85 43.55 -42.99
C SER B 161 -23.07 42.65 -43.18
N GLY B 162 -22.87 41.43 -43.70
CA GLY B 162 -23.98 40.50 -43.79
C GLY B 162 -23.80 39.31 -44.71
N GLN B 163 -22.74 38.52 -44.53
CA GLN B 163 -22.62 37.23 -45.20
C GLN B 163 -21.91 36.28 -44.26
N PRO B 164 -22.40 35.04 -44.11
CA PRO B 164 -21.71 34.06 -43.26
C PRO B 164 -20.28 33.80 -43.70
N GLU B 165 -19.34 34.57 -43.15
CA GLU B 165 -17.92 34.27 -43.32
C GLU B 165 -17.67 32.85 -42.84
N ASN B 166 -17.32 31.94 -43.76
CA ASN B 166 -17.31 30.51 -43.46
C ASN B 166 -15.88 29.96 -43.29
N THR B 167 -14.90 30.82 -43.02
CA THR B 167 -13.55 30.34 -42.80
C THR B 167 -12.91 31.00 -41.58
N TYR B 168 -13.70 31.25 -40.54
CA TYR B 168 -13.11 31.54 -39.23
C TYR B 168 -12.72 30.19 -38.65
N LYS B 169 -12.50 30.13 -37.33
CA LYS B 169 -12.40 28.90 -36.55
C LYS B 169 -12.78 29.24 -35.11
N THR B 170 -13.38 28.27 -34.42
CA THR B 170 -13.83 28.50 -33.05
C THR B 170 -13.21 27.49 -32.10
N THR B 171 -12.92 27.95 -30.88
CA THR B 171 -12.34 27.12 -29.84
C THR B 171 -13.42 26.34 -29.10
N PRO B 172 -13.09 25.18 -28.53
CA PRO B 172 -14.05 24.45 -27.70
C PRO B 172 -14.02 24.95 -26.27
N PRO B 173 -15.18 25.07 -25.63
CA PRO B 173 -15.23 25.66 -24.29
C PRO B 173 -14.44 24.83 -23.27
N VAL B 174 -14.02 25.51 -22.21
CA VAL B 174 -13.31 24.90 -21.09
C VAL B 174 -13.82 25.52 -19.79
N LEU B 175 -13.35 24.97 -18.67
CA LEU B 175 -13.81 25.38 -17.35
C LEU B 175 -12.88 26.46 -16.81
N ASP B 176 -13.39 27.69 -16.72
CA ASP B 176 -12.63 28.78 -16.13
C ASP B 176 -12.64 28.67 -14.60
N SER B 177 -11.93 29.59 -13.95
CA SER B 177 -11.80 29.66 -12.50
C SER B 177 -13.12 29.49 -11.77
N ASP B 178 -13.99 30.50 -11.84
CA ASP B 178 -15.20 30.54 -11.01
C ASP B 178 -16.23 29.48 -11.36
N GLY B 179 -16.06 28.76 -12.46
CA GLY B 179 -17.03 27.77 -12.88
C GLY B 179 -17.95 28.19 -14.00
N SER B 180 -17.69 29.33 -14.64
CA SER B 180 -18.42 29.76 -15.82
C SER B 180 -17.51 29.56 -17.03
N TYR B 181 -17.98 28.79 -18.00
CA TYR B 181 -17.18 28.47 -19.17
C TYR B 181 -16.74 29.73 -19.91
N PHE B 182 -15.66 29.59 -20.68
CA PHE B 182 -15.20 30.65 -21.57
C PHE B 182 -14.63 30.02 -22.82
N LEU B 183 -14.59 30.80 -23.90
CA LEU B 183 -14.10 30.31 -25.18
C LEU B 183 -13.68 31.48 -26.05
N TYR B 184 -13.18 31.15 -27.24
CA TYR B 184 -12.58 32.11 -28.17
C TYR B 184 -13.05 31.80 -29.58
N SER B 185 -12.84 32.76 -30.48
CA SER B 185 -13.04 32.55 -31.90
C SER B 185 -12.08 33.45 -32.67
N LYS B 186 -11.68 32.97 -33.85
CA LYS B 186 -10.60 33.56 -34.64
C LYS B 186 -11.02 33.61 -36.11
N LEU B 187 -11.17 34.80 -36.67
CA LEU B 187 -11.54 34.96 -38.07
C LEU B 187 -10.36 35.58 -38.83
N THR B 188 -9.85 34.85 -39.82
CA THR B 188 -8.69 35.29 -40.58
C THR B 188 -9.12 36.05 -41.83
N VAL B 189 -8.60 37.27 -41.99
CA VAL B 189 -8.84 38.12 -43.14
C VAL B 189 -7.50 38.62 -43.65
N ASP B 190 -7.44 38.89 -44.95
CA ASP B 190 -6.23 39.45 -45.53
C ASP B 190 -5.97 40.84 -44.95
N LYS B 191 -4.69 41.24 -44.94
CA LYS B 191 -4.31 42.56 -44.45
C LYS B 191 -5.13 43.66 -45.11
N SER B 192 -5.39 43.53 -46.41
CA SER B 192 -6.10 44.57 -47.15
C SER B 192 -7.53 44.73 -46.65
N ARG B 193 -8.21 43.62 -46.36
CA ARG B 193 -9.61 43.73 -45.93
C ARG B 193 -9.73 44.33 -44.53
N TRP B 194 -8.73 44.12 -43.68
CA TRP B 194 -8.78 44.70 -42.34
C TRP B 194 -8.37 46.17 -42.37
N GLN B 195 -7.41 46.54 -43.23
CA GLN B 195 -7.06 47.94 -43.37
C GLN B 195 -8.02 48.70 -44.28
N GLN B 196 -8.95 48.01 -44.94
CA GLN B 196 -10.00 48.71 -45.68
C GLN B 196 -10.96 49.42 -44.74
N GLY B 197 -11.27 48.81 -43.61
CA GLY B 197 -12.21 49.37 -42.66
C GLY B 197 -13.57 48.71 -42.65
N ASN B 198 -13.68 47.48 -43.12
CA ASN B 198 -14.96 46.78 -43.10
C ASN B 198 -15.41 46.55 -41.67
N VAL B 199 -16.73 46.53 -41.46
CA VAL B 199 -17.31 46.27 -40.15
C VAL B 199 -17.46 44.77 -39.98
N PHE B 200 -16.90 44.24 -38.90
CA PHE B 200 -17.00 42.83 -38.55
C PHE B 200 -17.79 42.68 -37.26
N SER B 201 -18.66 41.68 -37.22
CA SER B 201 -19.51 41.41 -36.07
C SER B 201 -19.32 39.96 -35.63
N CYS B 202 -19.11 39.77 -34.33
CA CYS B 202 -18.98 38.45 -33.73
C CYS B 202 -20.30 38.13 -33.04
N SER B 203 -21.14 37.33 -33.70
CA SER B 203 -22.45 36.99 -33.16
C SER B 203 -22.33 35.81 -32.21
N VAL B 204 -23.08 35.87 -31.12
CA VAL B 204 -23.10 34.82 -30.11
C VAL B 204 -24.55 34.62 -29.66
N MET B 205 -24.96 33.36 -29.56
CA MET B 205 -26.27 33.01 -29.02
C MET B 205 -26.09 32.01 -27.89
N HIS B 206 -26.79 32.27 -26.78
CA HIS B 206 -26.72 31.46 -25.57
C HIS B 206 -28.05 31.59 -24.83
N GLU B 207 -28.22 30.73 -23.81
CA GLU B 207 -29.52 30.58 -23.16
C GLU B 207 -29.97 31.83 -22.42
N ALA B 208 -29.05 32.71 -22.03
CA ALA B 208 -29.40 33.81 -21.15
C ALA B 208 -29.15 35.18 -21.77
N LEU B 209 -29.82 35.48 -22.88
CA LEU B 209 -29.70 36.77 -23.55
C LEU B 209 -31.08 37.23 -23.99
N HIS B 210 -31.25 38.56 -24.08
CA HIS B 210 -32.49 39.17 -24.54
C HIS B 210 -32.82 38.68 -25.96
N ASN B 211 -33.91 37.93 -26.10
CA ASN B 211 -34.28 37.24 -27.34
C ASN B 211 -33.17 36.34 -27.85
N HIS B 212 -32.14 36.08 -27.02
CA HIS B 212 -31.09 35.11 -27.28
C HIS B 212 -30.27 35.48 -28.51
N TYR B 213 -29.40 36.48 -28.37
CA TYR B 213 -28.54 36.96 -29.44
C TYR B 213 -27.66 38.11 -28.96
N THR B 214 -26.47 38.24 -29.52
CA THR B 214 -25.66 39.43 -29.34
C THR B 214 -24.63 39.49 -30.46
N GLN B 215 -24.16 40.71 -30.72
CA GLN B 215 -23.10 40.92 -31.69
C GLN B 215 -22.37 42.19 -31.28
N LYS B 216 -21.04 42.17 -31.41
CA LYS B 216 -20.21 43.32 -31.07
C LYS B 216 -19.47 43.73 -32.33
N SER B 217 -20.17 44.45 -33.21
CA SER B 217 -19.56 44.97 -34.42
C SER B 217 -18.25 45.70 -34.09
N LEU B 218 -17.20 45.35 -34.82
CA LEU B 218 -15.88 45.88 -34.55
C LEU B 218 -15.27 46.41 -35.85
N SER B 219 -14.44 47.43 -35.71
CA SER B 219 -13.77 48.07 -36.83
C SER B 219 -12.47 48.66 -36.32
N VAL B 220 -11.91 49.61 -37.06
CA VAL B 220 -10.67 50.26 -36.65
C VAL B 220 -10.95 51.72 -36.30
N GLY C 14 18.84 10.17 33.41
CA GLY C 14 17.92 9.33 32.66
C GLY C 14 16.95 8.62 33.59
N PRO C 15 15.73 8.24 33.13
CA PRO C 15 14.78 7.62 34.02
C PRO C 15 13.94 6.42 33.57
N SER C 16 14.29 5.19 33.99
CA SER C 16 13.33 4.14 33.67
C SER C 16 13.29 3.11 34.78
N VAL C 17 12.14 2.44 34.91
CA VAL C 17 11.96 1.45 35.96
C VAL C 17 10.98 0.39 35.48
N PHE C 18 11.24 -0.85 35.88
CA PHE C 18 10.41 -2.00 35.59
C PHE C 18 9.89 -2.59 36.90
N LEU C 19 8.93 -3.50 36.77
CA LEU C 19 8.27 -4.13 37.91
C LEU C 19 8.07 -5.60 37.57
N PHE C 20 8.90 -6.46 38.17
CA PHE C 20 8.76 -7.87 37.83
C PHE C 20 7.94 -8.62 38.90
N PRO C 21 7.11 -9.53 38.40
CA PRO C 21 6.14 -10.23 39.26
C PRO C 21 6.78 -11.40 39.99
N PRO C 22 6.10 -11.95 40.98
CA PRO C 22 6.68 -13.08 41.73
C PRO C 22 6.66 -14.37 40.95
N LYS C 23 7.65 -15.22 41.24
CA LYS C 23 7.78 -16.51 40.58
C LYS C 23 6.65 -17.46 41.00
N PRO C 24 6.25 -18.37 40.11
CA PRO C 24 5.24 -19.37 40.49
C PRO C 24 5.62 -20.19 41.72
N LYS C 25 6.81 -20.78 41.74
CA LYS C 25 7.18 -21.68 42.84
C LYS C 25 7.03 -21.01 44.19
N ASP C 26 7.14 -19.69 44.24
CA ASP C 26 6.92 -18.97 45.49
C ASP C 26 5.43 -18.66 45.70
N THR C 27 4.74 -18.18 44.66
CA THR C 27 3.42 -17.59 44.86
C THR C 27 2.35 -18.54 45.39
N LEU C 28 2.68 -19.82 45.60
CA LEU C 28 1.70 -20.80 46.07
C LEU C 28 1.34 -20.63 47.55
N MET C 29 1.21 -21.73 48.29
CA MET C 29 0.66 -21.67 49.64
C MET C 29 1.70 -21.68 50.76
N ILE C 30 2.72 -22.54 50.71
CA ILE C 30 3.62 -22.64 51.87
C ILE C 30 5.08 -22.51 51.41
N SER C 31 5.78 -21.52 51.99
CA SER C 31 7.22 -21.44 52.24
C SER C 31 7.85 -20.14 51.74
N ARG C 32 8.71 -20.25 50.72
CA ARG C 32 9.59 -19.16 50.31
C ARG C 32 8.82 -17.84 50.15
N THR C 33 9.49 -16.74 50.48
CA THR C 33 8.89 -15.42 50.37
C THR C 33 8.39 -15.20 48.95
N PRO C 34 7.18 -14.66 48.79
CA PRO C 34 6.77 -14.16 47.47
C PRO C 34 7.13 -12.69 47.32
N GLU C 35 8.08 -12.39 46.43
CA GLU C 35 8.61 -11.04 46.31
C GLU C 35 8.19 -10.42 45.00
N VAL C 36 7.86 -9.13 45.03
CA VAL C 36 7.72 -8.35 43.81
C VAL C 36 8.86 -7.34 43.76
N THR C 37 9.52 -7.25 42.59
CA THR C 37 10.79 -6.55 42.49
C THR C 37 10.64 -5.33 41.59
N CYS C 38 10.65 -4.14 42.18
CA CYS C 38 10.60 -2.90 41.42
C CYS C 38 12.03 -2.44 41.20
N VAL C 39 12.51 -2.56 39.97
CA VAL C 39 13.91 -2.35 39.64
C VAL C 39 14.02 -1.13 38.73
N VAL C 40 14.69 -0.09 39.21
CA VAL C 40 14.90 1.12 38.42
C VAL C 40 16.27 1.05 37.78
N VAL C 41 16.32 1.29 36.48
CA VAL C 41 17.54 1.36 35.71
C VAL C 41 17.68 2.79 35.16
N ASP C 42 18.93 3.16 34.93
CA ASP C 42 19.31 4.45 34.35
C ASP C 42 19.00 5.59 35.31
N VAL C 43 19.96 5.96 36.15
CA VAL C 43 19.88 7.16 36.98
C VAL C 43 21.29 7.76 37.09
N SER C 44 21.37 9.08 36.98
CA SER C 44 22.66 9.77 36.94
C SER C 44 23.39 9.67 38.27
N GLN C 45 24.72 9.78 38.21
CA GLN C 45 25.51 9.83 39.45
C GLN C 45 25.22 11.10 40.23
N GLU C 46 24.94 12.21 39.55
CA GLU C 46 24.58 13.46 40.19
C GLU C 46 23.07 13.61 40.15
N ASP C 47 22.48 14.05 41.28
CA ASP C 47 21.05 14.13 41.49
C ASP C 47 20.37 12.79 41.19
N PRO C 48 20.57 11.77 42.06
CA PRO C 48 20.09 10.43 41.72
C PRO C 48 18.93 9.92 42.58
N ASP C 49 19.17 9.82 43.89
CA ASP C 49 18.36 8.97 44.76
C ASP C 49 16.86 9.23 44.61
N VAL C 50 16.09 8.15 44.76
CA VAL C 50 14.65 8.18 44.55
C VAL C 50 13.96 7.81 45.85
N LYS C 51 12.65 7.53 45.77
CA LYS C 51 11.92 6.90 46.84
C LYS C 51 10.62 6.35 46.24
N PHE C 52 10.15 5.25 46.82
CA PHE C 52 9.01 4.52 46.29
C PHE C 52 7.80 4.66 47.20
N ASN C 53 6.63 4.68 46.59
CA ASN C 53 5.35 4.62 47.29
C ASN C 53 4.59 3.39 46.79
N TRP C 54 5.04 2.21 47.21
CA TRP C 54 4.35 0.97 46.91
C TRP C 54 2.87 1.07 47.27
N TYR C 55 1.99 0.99 46.28
CA TYR C 55 0.56 1.15 46.53
C TYR C 55 -0.16 -0.18 46.32
N VAL C 56 -1.03 -0.51 47.26
CA VAL C 56 -1.80 -1.76 47.26
C VAL C 56 -3.26 -1.35 47.13
N ASN C 57 -3.76 -1.30 45.90
CA ASN C 57 -5.15 -0.92 45.62
C ASN C 57 -5.54 0.34 46.39
N GLY C 58 -4.77 1.40 46.16
CA GLY C 58 -4.98 2.66 46.83
C GLY C 58 -4.28 2.79 48.17
N ALA C 59 -4.20 1.69 48.93
CA ALA C 59 -3.45 1.71 50.18
C ALA C 59 -1.97 1.86 49.90
N GLU C 60 -1.17 1.86 50.97
CA GLU C 60 0.28 2.02 50.81
C GLU C 60 1.05 0.99 51.62
N VAL C 61 0.93 1.06 52.95
CA VAL C 61 1.66 0.28 53.96
C VAL C 61 3.13 0.08 53.61
N HIS C 62 4.02 0.73 54.36
CA HIS C 62 5.47 0.59 54.22
C HIS C 62 5.94 -0.83 54.50
N HIS C 63 6.91 -0.96 55.41
CA HIS C 63 7.52 -2.24 55.78
C HIS C 63 7.83 -3.12 54.58
N ALA C 64 8.56 -2.54 53.62
CA ALA C 64 9.24 -3.21 52.52
C ALA C 64 10.75 -3.03 52.74
N GLN C 65 11.54 -3.12 51.68
CA GLN C 65 12.94 -2.75 51.87
C GLN C 65 13.59 -2.41 50.54
N THR C 66 14.80 -1.84 50.63
CA THR C 66 15.61 -1.42 49.50
C THR C 66 16.94 -2.17 49.51
N LYS C 67 17.28 -2.87 48.36
CA LYS C 67 18.68 -3.26 48.43
C LYS C 67 19.55 -2.16 47.79
N PRO C 68 20.76 -1.94 48.30
CA PRO C 68 21.45 -0.66 48.06
C PRO C 68 21.87 -0.38 46.62
N ARG C 69 22.43 0.80 46.42
CA ARG C 69 22.86 1.25 45.11
C ARG C 69 24.15 0.57 44.68
N GLU C 70 24.25 0.26 43.40
CA GLU C 70 25.39 -0.45 42.85
C GLU C 70 25.81 0.16 41.52
N THR C 71 26.97 -0.27 41.04
CA THR C 71 27.67 0.38 39.93
C THR C 71 27.76 -0.59 38.75
N GLN C 72 26.97 -0.31 37.71
CA GLN C 72 26.90 -1.17 36.54
C GLN C 72 28.06 -0.90 35.58
N TYR C 73 28.02 -1.58 34.42
CA TYR C 73 29.00 -1.34 33.37
C TYR C 73 29.03 0.13 32.97
N ASN C 74 27.85 0.73 32.82
CA ASN C 74 27.68 2.03 32.20
C ASN C 74 27.73 3.20 33.19
N SER C 75 28.11 2.94 34.43
CA SER C 75 28.24 3.96 35.47
C SER C 75 26.94 4.76 35.63
N THR C 76 25.87 4.02 35.87
CA THR C 76 24.57 4.61 36.18
C THR C 76 23.85 3.69 37.16
N TYR C 77 23.35 4.26 38.24
CA TYR C 77 22.94 3.45 39.38
C TYR C 77 21.73 2.58 39.04
N ARG C 78 21.69 1.40 39.68
CA ARG C 78 20.60 0.44 39.54
C ARG C 78 20.17 0.03 40.95
N VAL C 79 19.31 0.83 41.57
CA VAL C 79 18.75 0.45 42.86
C VAL C 79 17.49 -0.36 42.62
N VAL C 80 17.22 -1.31 43.50
CA VAL C 80 16.05 -2.17 43.42
C VAL C 80 15.36 -2.18 44.76
N SER C 81 14.03 -2.23 44.74
CA SER C 81 13.25 -2.27 45.97
C SER C 81 12.38 -3.52 45.96
N VAL C 82 12.39 -4.22 47.10
CA VAL C 82 11.66 -5.47 47.28
C VAL C 82 10.42 -5.18 48.11
N LEU C 83 9.27 -5.69 47.66
CA LEU C 83 8.07 -5.69 48.48
C LEU C 83 7.66 -7.14 48.74
N THR C 84 7.51 -7.45 50.03
CA THR C 84 7.09 -8.76 50.52
C THR C 84 5.57 -8.78 50.58
N VAL C 85 4.95 -9.60 49.75
CA VAL C 85 3.51 -9.63 49.65
C VAL C 85 3.01 -10.87 50.35
N THR C 86 1.71 -10.87 50.63
CA THR C 86 1.05 -12.00 51.26
C THR C 86 1.04 -13.21 50.33
N HIS C 87 1.39 -14.37 50.89
CA HIS C 87 1.59 -15.58 50.09
C HIS C 87 0.32 -15.95 49.34
N GLN C 88 -0.78 -16.16 50.07
CA GLN C 88 -2.04 -16.62 49.50
C GLN C 88 -3.01 -15.43 49.47
N ASP C 89 -2.86 -14.60 48.43
CA ASP C 89 -3.66 -13.38 48.29
C ASP C 89 -3.36 -12.72 46.94
N TRP C 90 -2.09 -12.75 46.53
CA TRP C 90 -1.73 -12.31 45.19
C TRP C 90 -2.62 -12.97 44.14
N LEU C 91 -2.82 -14.27 44.26
CA LEU C 91 -3.65 -15.02 43.33
C LEU C 91 -5.13 -14.97 43.68
N ASN C 92 -5.52 -14.27 44.74
CA ASN C 92 -6.93 -14.06 45.03
C ASN C 92 -7.53 -12.93 44.21
N GLY C 93 -6.74 -12.27 43.37
CA GLY C 93 -7.24 -11.26 42.47
C GLY C 93 -7.05 -9.83 42.93
N LYS C 94 -5.79 -9.40 43.08
CA LYS C 94 -5.48 -8.02 43.47
C LYS C 94 -4.26 -7.56 42.70
N GLU C 95 -3.93 -6.27 42.84
CA GLU C 95 -2.95 -5.62 41.98
C GLU C 95 -1.95 -4.83 42.82
N TYR C 96 -0.67 -5.06 42.58
CA TYR C 96 0.37 -4.29 43.26
C TYR C 96 0.99 -3.28 42.30
N THR C 97 1.22 -2.05 42.80
CA THR C 97 1.75 -0.99 41.97
C THR C 97 2.98 -0.37 42.62
N CYS C 98 3.96 -0.03 41.77
CA CYS C 98 5.17 0.68 42.20
C CYS C 98 5.16 2.08 41.60
N LYS C 99 5.36 3.08 42.43
CA LYS C 99 5.42 4.48 42.05
C LYS C 99 6.74 5.07 42.51
N VAL C 100 7.45 5.72 41.60
CA VAL C 100 8.78 6.25 41.88
C VAL C 100 8.94 7.59 41.17
N SER C 101 9.61 8.53 41.85
CA SER C 101 9.97 9.80 41.28
C SER C 101 11.44 10.09 41.55
N ASN C 102 12.04 10.87 40.66
CA ASN C 102 13.46 11.20 40.76
C ASN C 102 13.62 12.65 40.36
N LYS C 103 14.73 13.26 40.79
CA LYS C 103 14.97 14.67 40.49
C LYS C 103 15.03 14.91 38.99
N ALA C 104 15.51 13.94 38.22
CA ALA C 104 15.69 14.10 36.78
C ALA C 104 14.48 13.63 35.98
N LEU C 105 13.27 13.81 36.51
CA LEU C 105 12.06 13.47 35.77
C LEU C 105 10.91 14.31 36.28
N PRO C 106 10.00 14.76 35.40
CA PRO C 106 8.87 15.58 35.86
C PRO C 106 7.81 14.77 36.59
N ALA C 107 7.24 13.80 35.88
CA ALA C 107 6.13 13.01 36.37
C ALA C 107 6.64 11.72 37.01
N PRO C 108 6.35 11.47 38.28
CA PRO C 108 6.72 10.17 38.87
C PRO C 108 6.07 9.03 38.10
N ILE C 109 6.90 8.11 37.63
CA ILE C 109 6.43 6.97 36.85
C ILE C 109 5.90 5.90 37.78
N GLN C 110 4.84 5.21 37.34
CA GLN C 110 4.21 4.17 38.13
C GLN C 110 3.71 3.06 37.23
N LYS C 111 3.84 1.82 37.71
CA LYS C 111 3.38 0.66 36.97
C LYS C 111 2.64 -0.29 37.90
N THR C 112 1.86 -1.20 37.31
CA THR C 112 1.04 -2.14 38.04
C THR C 112 1.35 -3.57 37.58
N ILE C 113 0.88 -4.54 38.38
CA ILE C 113 0.89 -5.93 37.96
C ILE C 113 -0.16 -6.66 38.79
N SER C 114 -0.61 -7.81 38.28
CA SER C 114 -1.72 -8.53 38.88
C SER C 114 -1.62 -10.01 38.55
N LYS C 115 -2.49 -10.80 39.18
CA LYS C 115 -2.80 -12.12 38.66
C LYS C 115 -3.42 -11.99 37.30
N ASP C 116 -3.04 -12.88 36.39
CA ASP C 116 -3.73 -12.97 35.11
C ASP C 116 -5.19 -13.32 35.36
N LYS C 117 -6.09 -12.39 35.03
CA LYS C 117 -7.51 -12.52 35.33
C LYS C 117 -8.15 -13.70 34.62
N GLY C 118 -9.45 -13.86 34.79
CA GLY C 118 -10.19 -14.89 34.08
C GLY C 118 -10.75 -15.97 34.96
N GLN C 119 -11.19 -17.06 34.35
CA GLN C 119 -11.72 -18.21 35.07
C GLN C 119 -10.68 -19.33 35.03
N PRO C 120 -9.93 -19.57 36.11
CA PRO C 120 -8.88 -20.58 36.08
C PRO C 120 -9.42 -21.96 35.82
N ARG C 121 -8.54 -22.82 35.29
CA ARG C 121 -8.90 -24.19 34.95
C ARG C 121 -7.83 -25.11 35.52
N GLU C 122 -8.29 -26.22 36.10
CA GLU C 122 -7.35 -27.18 36.65
C GLU C 122 -6.64 -27.93 35.52
N PRO C 123 -5.40 -28.37 35.74
CA PRO C 123 -4.66 -29.08 34.70
C PRO C 123 -5.07 -30.55 34.65
N GLN C 124 -4.51 -31.24 33.65
CA GLN C 124 -4.83 -32.64 33.39
C GLN C 124 -3.55 -33.36 32.95
N VAL C 125 -2.67 -33.63 33.93
CA VAL C 125 -1.39 -34.26 33.66
C VAL C 125 -1.63 -35.68 33.13
N TYR C 126 -1.09 -35.94 31.93
CA TYR C 126 -1.23 -37.24 31.28
C TYR C 126 0.17 -37.74 30.90
N THR C 127 0.92 -38.20 31.90
CA THR C 127 2.30 -38.60 31.68
C THR C 127 2.39 -39.72 30.65
N LEU C 128 3.44 -39.70 29.84
CA LEU C 128 3.54 -40.52 28.65
C LEU C 128 4.74 -41.47 28.73
N PRO C 129 4.71 -42.58 27.98
CA PRO C 129 5.87 -43.46 27.91
C PRO C 129 6.79 -43.06 26.78
N PRO C 130 7.96 -43.68 26.65
CA PRO C 130 8.81 -43.43 25.48
C PRO C 130 8.22 -43.99 24.19
N SER C 131 9.02 -44.69 23.38
CA SER C 131 8.54 -45.15 22.08
C SER C 131 9.01 -46.56 21.79
N ARG C 132 8.29 -47.21 20.87
CA ARG C 132 8.82 -48.41 20.22
C ARG C 132 10.26 -48.20 19.78
N GLU C 133 10.56 -47.02 19.24
CA GLU C 133 11.82 -46.76 18.57
C GLU C 133 12.95 -46.41 19.55
N GLU C 134 12.64 -45.63 20.59
CA GLU C 134 13.68 -44.86 21.28
C GLU C 134 14.70 -45.74 22.00
N LEU C 135 14.26 -46.82 22.66
CA LEU C 135 15.22 -47.58 23.44
C LEU C 135 16.36 -48.11 22.60
N THR C 136 16.25 -48.05 21.26
CA THR C 136 17.37 -48.47 20.42
C THR C 136 18.64 -47.73 20.81
N LYS C 137 18.51 -46.54 21.40
CA LYS C 137 19.64 -45.73 21.81
C LYS C 137 19.77 -45.73 23.33
N ASN C 138 20.92 -45.26 23.80
CA ASN C 138 21.35 -45.53 25.17
C ASN C 138 20.68 -44.64 26.22
N GLN C 139 20.18 -43.47 25.84
CA GLN C 139 19.51 -42.58 26.76
C GLN C 139 18.10 -42.30 26.25
N VAL C 140 17.15 -42.26 27.16
CA VAL C 140 15.74 -42.25 26.79
C VAL C 140 15.06 -41.02 27.37
N SER C 141 14.01 -40.58 26.65
CA SER C 141 13.27 -39.32 26.82
C SER C 141 11.91 -39.61 27.43
N LEU C 142 11.72 -39.21 28.69
CA LEU C 142 10.43 -39.35 29.34
C LEU C 142 9.70 -38.01 29.35
N THR C 143 8.38 -38.06 29.15
CA THR C 143 7.58 -36.90 28.80
C THR C 143 6.35 -36.78 29.67
N CYS C 144 6.15 -35.61 30.26
CA CYS C 144 4.97 -35.27 31.04
C CYS C 144 4.22 -34.15 30.34
N LEU C 145 2.94 -34.37 30.05
CA LEU C 145 2.10 -33.40 29.36
C LEU C 145 1.04 -32.85 30.30
N VAL C 146 0.85 -31.54 30.26
CA VAL C 146 -0.18 -30.86 31.04
C VAL C 146 -1.23 -30.36 30.05
N LYS C 147 -2.32 -31.10 29.93
CA LYS C 147 -3.34 -30.83 28.91
C LYS C 147 -4.33 -29.81 29.45
N GLY C 148 -4.19 -28.56 29.02
CA GLY C 148 -5.19 -27.54 29.32
C GLY C 148 -5.14 -26.95 30.71
N PHE C 149 -4.99 -25.64 30.81
CA PHE C 149 -5.00 -24.94 32.09
C PHE C 149 -5.08 -23.44 31.83
N TYR C 150 -5.14 -22.67 32.92
CA TYR C 150 -5.26 -21.23 32.97
C TYR C 150 -5.22 -20.83 34.44
N PRO C 151 -4.33 -19.91 34.85
CA PRO C 151 -3.35 -19.15 34.06
C PRO C 151 -2.09 -19.95 33.76
N SER C 152 -1.12 -19.31 33.13
CA SER C 152 0.14 -19.96 32.72
C SER C 152 1.23 -19.83 33.77
N ASP C 153 0.90 -19.99 35.05
CA ASP C 153 1.89 -20.05 36.12
C ASP C 153 2.01 -21.50 36.57
N ILE C 154 3.20 -22.07 36.43
CA ILE C 154 3.41 -23.49 36.68
C ILE C 154 4.89 -23.81 36.68
N VAL C 155 5.30 -24.78 37.50
CA VAL C 155 6.61 -25.40 37.44
C VAL C 155 6.43 -26.90 37.61
N VAL C 156 7.39 -27.67 37.09
CA VAL C 156 7.24 -29.10 36.85
C VAL C 156 8.52 -29.87 37.20
N GLU C 157 8.81 -30.02 38.49
CA GLU C 157 9.99 -30.77 38.90
C GLU C 157 9.87 -32.26 38.54
N TRP C 158 11.01 -32.94 38.52
CA TRP C 158 11.07 -34.37 38.22
C TRP C 158 12.01 -35.09 39.17
N GLU C 159 11.63 -36.31 39.56
CA GLU C 159 12.61 -37.06 40.34
C GLU C 159 12.41 -38.56 40.23
N SER C 160 13.52 -39.26 40.41
CA SER C 160 13.55 -40.69 40.71
C SER C 160 13.68 -40.85 42.21
N SER C 161 13.02 -41.88 42.75
CA SER C 161 12.98 -42.14 44.19
C SER C 161 12.62 -40.88 44.97
N GLY C 162 13.63 -40.24 45.56
CA GLY C 162 13.40 -39.04 46.35
C GLY C 162 14.20 -37.85 45.89
N GLN C 163 15.49 -38.05 45.61
CA GLN C 163 16.33 -36.94 45.17
C GLN C 163 15.87 -36.48 43.79
N PRO C 164 15.75 -35.16 43.57
CA PRO C 164 15.26 -34.68 42.27
C PRO C 164 16.33 -34.79 41.20
N GLU C 165 15.96 -35.35 40.06
CA GLU C 165 16.86 -35.30 38.91
C GLU C 165 16.48 -34.08 38.07
N ASN C 166 17.49 -33.48 37.44
CA ASN C 166 17.18 -32.28 36.69
C ASN C 166 17.84 -32.25 35.30
N THR C 167 18.32 -33.39 34.81
CA THR C 167 18.72 -33.46 33.41
C THR C 167 17.48 -33.52 32.53
N TYR C 168 16.64 -32.50 32.68
CA TYR C 168 15.37 -32.38 31.98
C TYR C 168 15.21 -30.96 31.50
N LYS C 169 14.38 -30.78 30.47
CA LYS C 169 14.04 -29.44 30.00
C LYS C 169 12.59 -29.38 29.56
N THR C 170 12.01 -28.19 29.64
CA THR C 170 10.58 -28.00 29.56
C THR C 170 10.22 -26.95 28.50
N THR C 171 9.07 -27.16 27.88
CA THR C 171 8.50 -26.19 26.94
C THR C 171 7.78 -25.08 27.70
N PRO C 172 7.54 -23.95 27.05
CA PRO C 172 6.76 -22.88 27.67
C PRO C 172 5.28 -23.08 27.42
N PRO C 173 4.41 -22.30 28.08
CA PRO C 173 2.98 -22.40 27.80
C PRO C 173 2.66 -22.01 26.37
N VAL C 174 1.75 -22.77 25.74
CA VAL C 174 1.24 -22.45 24.41
C VAL C 174 -0.27 -22.70 24.42
N LEU C 175 -1.01 -21.79 23.78
CA LEU C 175 -2.47 -21.82 23.81
C LEU C 175 -3.03 -23.07 23.14
N ASP C 176 -4.35 -23.23 23.21
CA ASP C 176 -5.02 -24.33 22.52
C ASP C 176 -6.45 -23.91 22.22
N SER C 177 -7.02 -24.54 21.20
CA SER C 177 -8.37 -24.23 20.72
C SER C 177 -9.44 -24.46 21.77
N ASP C 178 -9.46 -23.62 22.81
CA ASP C 178 -10.54 -23.59 23.80
C ASP C 178 -10.34 -22.42 24.76
N GLY C 179 -9.11 -21.93 24.84
CA GLY C 179 -8.73 -20.92 25.81
C GLY C 179 -7.70 -21.38 26.83
N SER C 180 -7.38 -22.67 26.87
CA SER C 180 -6.40 -23.21 27.80
C SER C 180 -5.04 -23.33 27.11
N TYR C 181 -4.04 -23.79 27.86
CA TYR C 181 -2.70 -23.95 27.35
C TYR C 181 -2.31 -25.43 27.33
N PHE C 182 -1.01 -25.69 27.21
CA PHE C 182 -0.41 -27.01 27.43
C PHE C 182 1.09 -26.88 27.25
N LEU C 183 1.86 -27.75 27.90
CA LEU C 183 3.31 -27.76 27.73
C LEU C 183 3.76 -29.21 27.70
N TYR C 184 5.07 -29.41 27.83
CA TYR C 184 5.65 -30.75 27.86
C TYR C 184 6.87 -30.72 28.77
N SER C 185 7.56 -31.86 28.82
CA SER C 185 8.82 -31.97 29.53
C SER C 185 9.57 -33.17 28.98
N LYS C 186 10.90 -33.10 29.03
CA LYS C 186 11.72 -34.22 28.57
C LYS C 186 12.82 -34.45 29.59
N LEU C 187 12.82 -35.65 30.17
CA LEU C 187 13.86 -36.09 31.09
C LEU C 187 14.73 -37.13 30.40
N THR C 188 16.03 -37.00 30.59
CA THR C 188 17.03 -37.83 29.93
C THR C 188 17.69 -38.74 30.95
N VAL C 189 17.47 -40.05 30.81
CA VAL C 189 18.16 -40.98 31.71
C VAL C 189 18.76 -42.14 30.92
N ASP C 190 19.65 -42.87 31.58
CA ASP C 190 20.21 -44.08 31.01
C ASP C 190 19.09 -45.02 30.59
N LYS C 191 19.36 -45.82 29.56
CA LYS C 191 18.43 -46.90 29.24
C LYS C 191 18.30 -47.84 30.44
N SER C 192 19.40 -48.05 31.15
CA SER C 192 19.37 -48.92 32.34
C SER C 192 18.51 -48.32 33.43
N ARG C 193 18.75 -47.05 33.79
CA ARG C 193 18.02 -46.44 34.89
C ARG C 193 16.51 -46.54 34.69
N TRP C 194 16.04 -46.41 33.46
CA TRP C 194 14.61 -46.49 33.18
C TRP C 194 14.14 -47.93 33.01
N GLN C 195 15.02 -48.83 32.57
CA GLN C 195 14.63 -50.21 32.26
C GLN C 195 14.70 -51.15 33.47
N GLN C 196 15.67 -50.95 34.36
CA GLN C 196 15.85 -51.76 35.55
C GLN C 196 14.86 -51.38 36.64
N GLY C 197 13.70 -50.87 36.25
CA GLY C 197 12.67 -50.53 37.20
C GLY C 197 12.54 -49.04 37.45
N ASN C 198 13.44 -48.51 38.29
CA ASN C 198 13.43 -47.14 38.83
C ASN C 198 12.29 -46.28 38.31
N VAL C 199 11.16 -46.27 39.03
CA VAL C 199 10.00 -45.50 38.60
C VAL C 199 10.36 -44.02 38.58
N PHE C 200 9.66 -43.26 37.75
CA PHE C 200 9.91 -41.83 37.63
C PHE C 200 8.66 -41.03 37.96
N SER C 201 8.84 -39.85 38.56
CA SER C 201 7.73 -39.06 39.03
C SER C 201 7.82 -37.65 38.48
N CYS C 202 6.76 -37.23 37.80
CA CYS C 202 6.52 -35.87 37.34
C CYS C 202 5.60 -35.18 38.33
N SER C 203 5.78 -33.87 38.49
CA SER C 203 5.15 -33.15 39.60
C SER C 203 4.94 -31.70 39.21
N VAL C 204 3.70 -31.22 39.35
CA VAL C 204 3.35 -29.88 38.87
C VAL C 204 2.75 -29.07 40.00
N MET C 205 3.29 -27.87 40.22
CA MET C 205 2.70 -26.88 41.12
C MET C 205 1.90 -25.90 40.28
N HIS C 206 0.75 -25.46 40.81
CA HIS C 206 -0.14 -24.66 39.96
C HIS C 206 -1.19 -23.93 40.79
N GLU C 207 -1.89 -23.01 40.12
CA GLU C 207 -3.03 -22.23 40.57
C GLU C 207 -4.01 -23.01 41.44
N ALA C 208 -5.11 -23.48 40.84
CA ALA C 208 -6.26 -24.00 41.58
C ALA C 208 -6.21 -25.52 41.56
N LEU C 209 -5.48 -26.09 42.52
CA LEU C 209 -5.42 -27.53 42.69
C LEU C 209 -5.53 -27.84 44.18
N HIS C 210 -5.85 -29.10 44.48
CA HIS C 210 -5.84 -29.56 45.86
C HIS C 210 -4.44 -29.39 46.45
N ASN C 211 -4.30 -28.45 47.38
CA ASN C 211 -3.01 -28.07 47.96
C ASN C 211 -2.03 -27.55 46.91
N HIS C 212 -2.58 -26.97 45.83
CA HIS C 212 -1.81 -26.24 44.83
C HIS C 212 -0.74 -27.11 44.16
N TYR C 213 -0.96 -28.41 44.08
CA TYR C 213 0.09 -29.31 43.60
C TYR C 213 -0.50 -30.66 43.27
N THR C 214 0.08 -31.32 42.27
CA THR C 214 -0.22 -32.72 42.04
C THR C 214 1.02 -33.40 41.47
N GLN C 215 0.92 -34.73 41.34
CA GLN C 215 2.09 -35.57 41.12
C GLN C 215 1.63 -36.89 40.51
N LYS C 216 2.35 -37.37 39.51
CA LYS C 216 2.03 -38.64 38.87
C LYS C 216 3.32 -39.40 38.60
N SER C 217 3.17 -40.72 38.47
CA SER C 217 4.31 -41.63 38.41
C SER C 217 4.20 -42.54 37.20
N LEU C 218 5.31 -43.17 36.85
CA LEU C 218 5.29 -44.12 35.76
C LEU C 218 6.44 -45.11 35.87
N SER C 219 6.22 -46.29 35.29
CA SER C 219 7.22 -47.31 34.98
C SER C 219 6.59 -48.26 33.96
N VAL C 220 6.89 -49.56 34.07
CA VAL C 220 6.27 -50.62 33.29
C VAL C 220 6.23 -51.93 34.08
N SER C 221 6.56 -53.03 33.42
CA SER C 221 6.64 -54.35 34.03
C SER C 221 7.55 -55.27 33.22
N LEU D 11 7.75 13.41 16.36
CA LEU D 11 7.63 12.04 16.80
C LEU D 11 8.18 11.08 15.74
N LEU D 12 9.39 11.37 15.28
CA LEU D 12 10.05 10.49 14.32
C LEU D 12 11.56 10.81 14.37
N GLY D 13 12.26 10.56 13.27
CA GLY D 13 13.70 10.72 13.22
C GLY D 13 14.44 9.41 13.45
N GLY D 14 14.29 8.48 12.53
CA GLY D 14 15.04 7.23 12.56
C GLY D 14 14.30 6.03 12.00
N PRO D 15 13.94 6.07 10.71
CA PRO D 15 13.24 4.94 10.09
C PRO D 15 14.03 3.65 10.12
N SER D 16 13.99 2.90 11.22
CA SER D 16 14.75 1.66 11.28
C SER D 16 14.05 0.54 10.50
N VAL D 17 14.79 -0.53 10.22
CA VAL D 17 14.32 -1.62 9.37
C VAL D 17 14.45 -2.95 10.08
N PHE D 18 13.95 -4.02 9.45
CA PHE D 18 14.18 -5.39 9.89
C PHE D 18 14.10 -6.33 8.70
N LEU D 19 14.52 -7.58 8.92
CA LEU D 19 14.50 -8.60 7.89
C LEU D 19 13.98 -9.91 8.48
N PHE D 20 13.49 -10.78 7.59
CA PHE D 20 13.04 -12.12 7.97
C PHE D 20 13.40 -13.17 6.92
N PRO D 21 14.03 -14.26 7.33
CA PRO D 21 14.33 -15.36 6.41
C PRO D 21 13.05 -15.98 5.86
N PRO D 22 13.14 -16.91 4.90
CA PRO D 22 11.93 -17.47 4.31
C PRO D 22 11.08 -18.21 5.34
N LYS D 23 9.80 -18.32 5.03
CA LYS D 23 8.90 -19.15 5.82
C LYS D 23 9.47 -20.56 5.87
N PRO D 24 9.76 -21.10 7.06
CA PRO D 24 10.50 -22.37 7.16
C PRO D 24 9.91 -23.48 6.30
N LYS D 25 8.59 -23.48 6.12
CA LYS D 25 7.95 -24.41 5.18
C LYS D 25 8.53 -24.26 3.78
N ASP D 26 8.65 -23.01 3.30
CA ASP D 26 9.12 -22.75 1.95
C ASP D 26 10.65 -22.78 1.85
N THR D 27 11.37 -22.78 2.96
CA THR D 27 12.83 -22.87 2.89
C THR D 27 13.28 -24.09 2.10
N LEU D 28 12.65 -25.24 2.35
CA LEU D 28 12.97 -26.46 1.63
C LEU D 28 11.86 -26.80 0.64
N MET D 29 11.58 -28.10 0.47
CA MET D 29 10.60 -28.62 -0.49
C MET D 29 10.72 -27.89 -1.83
N ILE D 30 11.73 -28.29 -2.60
CA ILE D 30 12.00 -27.70 -3.95
C ILE D 30 10.72 -27.82 -4.76
N SER D 31 9.79 -26.87 -4.58
CA SER D 31 8.51 -26.89 -5.28
C SER D 31 7.88 -25.51 -5.27
N ARG D 32 7.87 -24.85 -4.11
CA ARG D 32 7.41 -23.47 -4.02
C ARG D 32 8.62 -22.56 -3.83
N THR D 33 8.46 -21.30 -4.23
CA THR D 33 9.61 -20.41 -4.23
C THR D 33 9.79 -19.74 -2.86
N PRO D 34 11.05 -19.56 -2.44
CA PRO D 34 11.33 -18.82 -1.19
C PRO D 34 11.08 -17.33 -1.32
N GLU D 35 11.47 -16.54 -0.33
CA GLU D 35 11.10 -15.12 -0.34
C GLU D 35 12.16 -14.18 0.25
N VAL D 36 12.53 -14.35 1.53
CA VAL D 36 13.34 -13.40 2.29
C VAL D 36 12.79 -11.98 2.21
N THR D 37 12.20 -11.51 3.30
CA THR D 37 11.53 -10.22 3.30
C THR D 37 12.37 -9.17 4.02
N CYS D 38 12.42 -7.97 3.45
CA CYS D 38 13.05 -6.81 4.07
C CYS D 38 11.97 -5.75 4.28
N VAL D 39 11.70 -5.41 5.54
CA VAL D 39 10.64 -4.47 5.88
C VAL D 39 11.25 -3.23 6.52
N VAL D 40 10.54 -2.12 6.38
CA VAL D 40 10.94 -0.81 6.87
C VAL D 40 9.76 -0.21 7.62
N VAL D 41 10.04 0.77 8.48
CA VAL D 41 9.00 1.43 9.26
C VAL D 41 9.41 2.88 9.51
N ASP D 42 8.45 3.68 9.99
CA ASP D 42 8.67 5.05 10.46
C ASP D 42 9.26 5.94 9.36
N VAL D 43 8.69 5.85 8.16
CA VAL D 43 9.20 6.60 7.02
C VAL D 43 8.95 8.08 7.23
N SER D 44 9.62 8.91 6.43
CA SER D 44 9.75 10.34 6.71
C SER D 44 8.44 11.10 6.49
N GLN D 45 8.37 12.27 7.13
CA GLN D 45 7.36 13.27 6.77
C GLN D 45 7.48 13.61 5.30
N GLU D 46 8.71 13.81 4.83
CA GLU D 46 9.00 14.06 3.42
C GLU D 46 9.06 12.71 2.73
N ASP D 47 7.88 12.18 2.36
CA ASP D 47 7.71 10.84 1.79
C ASP D 47 8.81 10.49 0.79
N PRO D 48 9.76 9.66 1.19
CA PRO D 48 10.95 9.45 0.36
C PRO D 48 10.97 8.09 -0.32
N ASP D 49 11.26 8.07 -1.62
CA ASP D 49 11.54 6.80 -2.29
C ASP D 49 12.79 6.18 -1.65
N VAL D 50 12.61 5.01 -1.04
CA VAL D 50 13.68 4.43 -0.23
C VAL D 50 14.67 3.61 -1.04
N LYS D 51 14.28 3.10 -2.21
CA LYS D 51 15.17 2.45 -3.17
C LYS D 51 15.98 1.31 -2.56
N PHE D 52 15.49 0.08 -2.69
CA PHE D 52 16.27 -1.08 -2.29
C PHE D 52 17.21 -1.50 -3.41
N ASN D 53 18.37 -2.01 -3.01
CA ASN D 53 19.25 -2.72 -3.94
C ASN D 53 19.95 -3.83 -3.15
N TRP D 54 19.39 -5.04 -3.22
CA TRP D 54 19.99 -6.17 -2.52
C TRP D 54 21.30 -6.57 -3.17
N TYR D 55 22.28 -6.90 -2.33
CA TYR D 55 23.56 -7.42 -2.78
C TYR D 55 23.81 -8.78 -2.15
N VAL D 56 24.39 -9.68 -2.93
CA VAL D 56 24.88 -10.96 -2.43
C VAL D 56 26.36 -10.98 -2.78
N ASN D 57 27.19 -10.42 -1.89
CA ASN D 57 28.58 -10.06 -2.14
C ASN D 57 28.78 -9.58 -3.58
N GLY D 58 27.84 -8.75 -4.06
CA GLY D 58 27.84 -8.28 -5.43
C GLY D 58 26.81 -9.01 -6.28
N ALA D 59 25.58 -8.50 -6.31
CA ALA D 59 24.52 -9.17 -7.07
C ALA D 59 23.43 -8.16 -7.41
N GLU D 60 23.10 -8.06 -8.70
CA GLU D 60 21.94 -7.31 -9.15
C GLU D 60 20.69 -8.17 -9.03
N VAL D 61 19.55 -7.50 -8.86
CA VAL D 61 18.25 -8.16 -8.69
C VAL D 61 17.09 -7.35 -9.28
N HIS D 62 16.90 -6.13 -8.78
CA HIS D 62 15.65 -5.38 -8.86
C HIS D 62 14.45 -6.32 -8.85
N HIS D 63 14.24 -7.01 -7.72
CA HIS D 63 13.04 -7.81 -7.52
C HIS D 63 12.21 -7.15 -6.44
N ALA D 64 11.93 -5.87 -6.62
CA ALA D 64 11.42 -5.03 -5.52
C ALA D 64 10.03 -5.47 -5.07
N GLN D 65 9.11 -5.66 -6.02
CA GLN D 65 7.69 -5.81 -5.74
C GLN D 65 7.17 -4.60 -4.97
N THR D 66 7.64 -4.42 -3.73
CA THR D 66 7.27 -3.28 -2.88
C THR D 66 5.77 -3.02 -2.96
N LYS D 67 5.01 -4.02 -2.53
CA LYS D 67 3.55 -3.92 -2.62
C LYS D 67 3.09 -2.68 -1.86
N PRO D 68 2.16 -1.88 -2.44
CA PRO D 68 1.86 -0.54 -1.93
C PRO D 68 1.94 -0.29 -0.43
N ARG D 69 2.46 0.88 -0.10
CA ARG D 69 2.54 1.34 1.27
C ARG D 69 1.15 1.49 1.88
N GLU D 70 1.08 1.48 3.20
CA GLU D 70 -0.16 1.57 3.94
C GLU D 70 -0.08 2.73 4.91
N THR D 71 -1.10 3.58 4.92
CA THR D 71 -1.19 4.57 5.99
C THR D 71 -1.45 3.84 7.31
N GLN D 72 -2.71 3.51 7.62
CA GLN D 72 -3.08 2.59 8.71
C GLN D 72 -2.29 3.00 9.96
N TYR D 73 -1.71 2.05 10.70
CA TYR D 73 -0.60 2.26 11.62
C TYR D 73 -0.73 3.47 12.54
N ASN D 74 0.30 4.29 12.55
CA ASN D 74 0.52 5.40 13.47
C ASN D 74 0.90 6.66 12.69
N SER D 75 0.15 6.88 11.62
CA SER D 75 0.44 7.91 10.61
C SER D 75 1.85 7.70 10.04
N THR D 76 1.98 6.62 9.28
CA THR D 76 3.27 6.21 8.74
C THR D 76 3.08 5.23 7.60
N TYR D 77 3.81 5.46 6.50
CA TYR D 77 3.74 4.59 5.32
C TYR D 77 4.77 3.47 5.44
N ARG D 78 4.36 2.34 5.98
CA ARG D 78 5.27 1.20 6.07
C ARG D 78 5.54 0.61 4.69
N VAL D 79 6.81 0.38 4.38
CA VAL D 79 7.24 -0.14 3.08
C VAL D 79 7.93 -1.48 3.29
N VAL D 80 7.77 -2.36 2.29
CA VAL D 80 8.26 -3.74 2.33
C VAL D 80 8.88 -4.05 0.98
N SER D 81 9.68 -5.11 0.93
CA SER D 81 10.19 -5.62 -0.34
C SER D 81 10.64 -7.07 -0.15
N VAL D 82 10.52 -7.85 -1.22
CA VAL D 82 10.72 -9.30 -1.15
C VAL D 82 11.94 -9.66 -1.99
N LEU D 83 12.14 -10.95 -2.26
CA LEU D 83 13.24 -11.44 -3.09
C LEU D 83 12.88 -12.85 -3.55
N THR D 84 13.62 -13.33 -4.56
CA THR D 84 13.47 -14.69 -5.07
C THR D 84 14.78 -15.42 -4.80
N VAL D 85 14.84 -16.14 -3.68
CA VAL D 85 16.05 -16.85 -3.31
C VAL D 85 16.26 -18.05 -4.23
N THR D 86 17.51 -18.36 -4.53
CA THR D 86 17.85 -19.60 -5.19
C THR D 86 17.63 -20.76 -4.22
N HIS D 87 17.66 -21.98 -4.73
CA HIS D 87 17.68 -23.15 -3.86
C HIS D 87 19.05 -23.80 -3.80
N GLN D 88 19.77 -23.82 -4.91
CA GLN D 88 21.20 -24.08 -4.93
C GLN D 88 21.90 -23.19 -3.91
N ASP D 89 21.85 -21.88 -4.15
CA ASP D 89 22.26 -20.92 -3.13
C ASP D 89 21.23 -20.91 -2.01
N TRP D 90 21.70 -20.55 -0.80
CA TRP D 90 21.03 -20.83 0.48
C TRP D 90 21.22 -22.31 0.80
N LEU D 91 21.11 -22.68 2.08
CA LEU D 91 21.51 -24.00 2.58
C LEU D 91 23.00 -24.26 2.37
N ASN D 92 23.81 -23.22 2.36
CA ASN D 92 25.25 -23.38 2.17
C ASN D 92 26.01 -22.28 2.90
N GLY D 93 25.98 -21.06 2.36
CA GLY D 93 26.67 -19.95 3.00
C GLY D 93 26.79 -18.67 2.19
N LYS D 94 25.76 -18.33 1.42
CA LYS D 94 25.70 -17.01 0.81
C LYS D 94 25.20 -15.97 1.81
N GLU D 95 25.41 -14.70 1.47
CA GLU D 95 25.40 -13.61 2.45
C GLU D 95 24.07 -12.89 2.57
N TYR D 96 23.59 -12.28 1.48
CA TYR D 96 22.33 -11.53 1.43
C TYR D 96 22.38 -10.20 2.19
N THR D 97 21.82 -9.16 1.60
CA THR D 97 21.76 -7.83 2.22
C THR D 97 20.36 -7.26 2.00
N CYS D 98 20.23 -5.96 2.23
CA CYS D 98 19.04 -5.22 1.83
C CYS D 98 19.45 -3.86 1.28
N LYS D 99 20.18 -3.08 2.08
CA LYS D 99 20.76 -1.81 1.66
C LYS D 99 19.69 -0.79 1.25
N VAL D 100 19.20 -0.02 2.21
CA VAL D 100 18.17 0.99 1.96
C VAL D 100 18.80 2.37 2.18
N SER D 101 18.40 3.32 1.34
CA SER D 101 18.79 4.72 1.47
C SER D 101 17.54 5.56 1.74
N ASN D 102 17.76 6.85 1.94
CA ASN D 102 16.73 7.81 2.34
C ASN D 102 17.38 9.18 2.34
N LYS D 103 16.55 10.22 2.41
CA LYS D 103 17.05 11.56 2.65
C LYS D 103 16.85 12.02 4.09
N ALA D 104 16.03 11.30 4.87
CA ALA D 104 15.89 11.54 6.30
C ALA D 104 16.72 10.54 7.11
N LEU D 105 17.80 10.02 6.52
CA LEU D 105 18.57 8.94 7.14
C LEU D 105 20.00 9.03 6.62
N PRO D 106 20.86 9.79 7.30
CA PRO D 106 22.23 9.99 6.81
C PRO D 106 22.97 8.66 6.72
N ALA D 107 23.61 8.43 5.58
CA ALA D 107 24.26 7.18 5.20
C ALA D 107 23.24 6.06 5.08
N PRO D 108 23.44 5.12 4.16
CA PRO D 108 22.47 4.02 4.01
C PRO D 108 22.71 2.92 5.03
N ILE D 109 21.61 2.34 5.51
CA ILE D 109 21.62 1.28 6.51
C ILE D 109 21.44 -0.07 5.83
N GLN D 110 22.16 -1.09 6.32
CA GLN D 110 22.07 -2.43 5.76
C GLN D 110 22.14 -3.47 6.88
N LYS D 111 21.61 -4.65 6.60
CA LYS D 111 21.60 -5.76 7.54
C LYS D 111 21.80 -7.07 6.78
N THR D 112 22.06 -8.15 7.53
CA THR D 112 22.48 -9.42 6.95
C THR D 112 21.73 -10.57 7.61
N ILE D 113 21.51 -11.64 6.84
CA ILE D 113 20.76 -12.80 7.34
C ILE D 113 21.51 -14.11 7.07
N SER D 114 20.98 -14.96 6.19
CA SER D 114 21.36 -16.37 6.05
C SER D 114 21.32 -17.09 7.40
N LYS D 115 22.33 -16.84 8.24
CA LYS D 115 22.32 -17.26 9.64
C LYS D 115 22.35 -18.78 9.82
N ASP D 116 21.85 -19.24 10.98
CA ASP D 116 21.88 -20.63 11.47
C ASP D 116 22.93 -21.54 10.85
N LYS D 117 24.19 -21.30 11.20
CA LYS D 117 25.29 -22.16 10.77
C LYS D 117 25.41 -23.36 11.70
N GLY D 118 26.32 -24.27 11.36
CA GLY D 118 26.74 -25.31 12.27
C GLY D 118 25.86 -26.55 12.20
N GLN D 119 26.40 -27.64 12.76
CA GLN D 119 25.88 -29.00 12.90
C GLN D 119 24.52 -29.23 12.25
N PRO D 120 24.44 -29.37 10.94
CA PRO D 120 23.19 -29.84 10.33
C PRO D 120 23.15 -31.35 10.33
N ARG D 121 22.60 -31.96 11.38
CA ARG D 121 22.54 -33.41 11.49
C ARG D 121 21.10 -33.86 11.69
N GLU D 122 20.92 -35.18 11.68
CA GLU D 122 19.60 -35.79 11.51
C GLU D 122 18.77 -35.65 12.77
N PRO D 123 17.51 -35.25 12.66
CA PRO D 123 16.59 -35.37 13.80
C PRO D 123 16.00 -36.77 13.88
N GLN D 124 15.82 -37.26 15.09
CA GLN D 124 14.98 -38.43 15.27
C GLN D 124 13.57 -37.97 15.63
N VAL D 125 12.58 -38.74 15.18
CA VAL D 125 11.19 -38.34 15.30
C VAL D 125 10.44 -39.50 15.95
N TYR D 126 10.24 -39.41 17.26
CA TYR D 126 9.62 -40.49 18.02
C TYR D 126 8.13 -40.18 18.19
N THR D 127 7.30 -41.13 17.79
CA THR D 127 5.86 -40.93 17.73
C THR D 127 5.22 -41.63 18.94
N LEU D 128 4.62 -40.79 19.91
CA LEU D 128 4.17 -41.35 21.17
C LEU D 128 2.65 -41.51 21.16
N PRO D 129 2.13 -42.45 21.94
CA PRO D 129 0.68 -42.71 21.94
C PRO D 129 0.01 -42.01 23.11
N PRO D 130 -1.32 -42.15 23.23
CA PRO D 130 -2.00 -41.74 24.46
C PRO D 130 -1.55 -42.52 25.69
N SER D 131 -2.17 -42.25 26.85
CA SER D 131 -1.72 -42.81 28.12
C SER D 131 -2.94 -43.06 29.02
N ARG D 132 -3.49 -44.27 28.88
CA ARG D 132 -4.40 -44.88 29.84
C ARG D 132 -5.42 -43.92 30.42
N GLU D 133 -5.02 -43.21 31.49
CA GLU D 133 -5.97 -42.43 32.25
C GLU D 133 -6.60 -41.30 31.45
N GLU D 134 -5.99 -40.90 30.33
CA GLU D 134 -6.61 -39.84 29.55
C GLU D 134 -7.67 -40.34 28.59
N LEU D 135 -7.70 -41.65 28.31
CA LEU D 135 -8.68 -42.21 27.38
C LEU D 135 -10.12 -42.09 27.87
N THR D 136 -10.36 -41.42 29.00
CA THR D 136 -11.65 -41.47 29.66
C THR D 136 -12.67 -40.48 29.10
N LYS D 137 -12.23 -39.33 28.58
CA LYS D 137 -13.17 -38.32 28.15
C LYS D 137 -13.33 -38.40 26.63
N ASN D 138 -13.84 -37.34 26.00
CA ASN D 138 -14.29 -37.36 24.62
C ASN D 138 -13.35 -36.66 23.64
N GLN D 139 -12.16 -36.24 24.08
CA GLN D 139 -11.17 -35.65 23.19
C GLN D 139 -9.78 -36.07 23.69
N VAL D 140 -9.17 -37.01 22.98
CA VAL D 140 -7.86 -37.57 23.37
C VAL D 140 -6.78 -36.85 22.60
N SER D 141 -5.57 -36.81 23.16
CA SER D 141 -4.45 -36.09 22.57
C SER D 141 -3.32 -37.05 22.23
N LEU D 142 -2.85 -36.97 21.00
CA LEU D 142 -1.70 -37.73 20.51
C LEU D 142 -0.49 -36.80 20.40
N THR D 143 0.71 -37.39 20.48
CA THR D 143 1.92 -36.61 20.67
C THR D 143 3.02 -37.05 19.70
N CYS D 144 3.73 -36.07 19.14
CA CYS D 144 4.92 -36.33 18.33
C CYS D 144 6.09 -35.59 18.94
N LEU D 145 7.11 -36.33 19.38
CA LEU D 145 8.36 -35.74 19.83
C LEU D 145 9.34 -35.77 18.67
N VAL D 146 10.06 -34.67 18.46
CA VAL D 146 11.16 -34.62 17.52
C VAL D 146 12.37 -34.14 18.30
N LYS D 147 13.45 -34.92 18.27
CA LYS D 147 14.59 -34.72 19.14
C LYS D 147 15.88 -34.60 18.34
N GLY D 148 16.80 -33.83 18.90
CA GLY D 148 18.20 -33.89 18.53
C GLY D 148 18.58 -33.27 17.22
N PHE D 149 17.87 -32.24 16.78
CA PHE D 149 18.15 -31.62 15.48
C PHE D 149 18.74 -30.23 15.66
N TYR D 150 19.25 -29.69 14.58
CA TYR D 150 19.86 -28.37 14.56
C TYR D 150 20.11 -28.02 13.10
N PRO D 151 19.68 -26.84 12.63
CA PRO D 151 19.08 -25.74 13.38
C PRO D 151 17.58 -25.85 13.62
N SER D 152 16.99 -24.79 14.19
CA SER D 152 15.60 -24.81 14.61
C SER D 152 14.62 -24.66 13.45
N ASP D 153 15.08 -24.21 12.28
CA ASP D 153 14.23 -24.16 11.11
C ASP D 153 13.70 -25.55 10.77
N ILE D 154 12.42 -25.79 11.06
CA ILE D 154 11.82 -27.11 10.95
C ILE D 154 10.37 -26.95 10.54
N VAL D 155 9.80 -27.99 9.94
CA VAL D 155 8.35 -28.01 9.72
C VAL D 155 7.79 -29.34 10.23
N VAL D 156 6.74 -29.25 11.05
CA VAL D 156 6.07 -30.38 11.66
C VAL D 156 4.56 -30.24 11.46
N GLU D 157 3.94 -31.27 10.91
CA GLU D 157 2.53 -31.25 10.56
C GLU D 157 1.95 -32.65 10.75
N TRP D 158 0.63 -32.74 10.63
CA TRP D 158 -0.12 -33.95 10.91
C TRP D 158 -1.02 -34.28 9.74
N GLU D 159 -1.03 -35.55 9.33
CA GLU D 159 -1.88 -35.96 8.22
C GLU D 159 -2.46 -37.35 8.47
N SER D 160 -3.62 -37.60 7.86
CA SER D 160 -4.28 -38.90 7.93
C SER D 160 -4.79 -39.25 6.54
N SER D 161 -4.35 -40.40 6.03
CA SER D 161 -4.74 -40.87 4.71
C SER D 161 -4.44 -39.84 3.63
N GLY D 162 -5.31 -38.84 3.50
CA GLY D 162 -5.11 -37.82 2.49
C GLY D 162 -5.69 -36.47 2.82
N GLN D 163 -6.51 -36.39 3.88
CA GLN D 163 -7.03 -35.12 4.36
C GLN D 163 -6.33 -34.74 5.66
N PRO D 164 -5.15 -34.12 5.58
CA PRO D 164 -4.48 -33.65 6.79
C PRO D 164 -5.31 -32.58 7.48
N GLU D 165 -5.94 -32.92 8.59
CA GLU D 165 -6.87 -32.01 9.24
C GLU D 165 -6.11 -30.90 9.96
N ASN D 166 -6.83 -30.10 10.75
CA ASN D 166 -6.31 -28.86 11.28
C ASN D 166 -6.46 -28.76 12.80
N THR D 167 -6.56 -29.90 13.48
CA THR D 167 -6.79 -29.91 14.93
C THR D 167 -5.54 -30.28 15.71
N TYR D 168 -4.44 -29.55 15.45
CA TYR D 168 -3.17 -29.82 16.09
C TYR D 168 -2.45 -28.51 16.35
N LYS D 169 -1.48 -28.55 17.26
CA LYS D 169 -0.60 -27.42 17.52
C LYS D 169 0.80 -27.95 17.82
N THR D 170 1.78 -27.07 17.76
CA THR D 170 3.17 -27.45 17.96
C THR D 170 3.73 -26.68 19.15
N THR D 171 5.03 -26.83 19.38
CA THR D 171 5.69 -26.20 20.51
C THR D 171 6.95 -25.47 20.06
N PRO D 172 7.35 -24.43 20.77
CA PRO D 172 8.59 -23.72 20.42
C PRO D 172 9.79 -24.65 20.44
N PRO D 173 10.71 -24.50 19.50
CA PRO D 173 11.97 -25.24 19.59
C PRO D 173 12.76 -24.83 20.83
N VAL D 174 13.18 -25.82 21.60
CA VAL D 174 13.93 -25.56 22.82
C VAL D 174 15.28 -26.28 22.73
N LEU D 175 16.31 -25.62 23.26
CA LEU D 175 17.67 -26.15 23.28
C LEU D 175 17.77 -27.33 24.25
N ASP D 176 18.79 -28.15 24.05
CA ASP D 176 19.07 -29.27 24.91
C ASP D 176 20.57 -29.28 25.22
N SER D 177 20.91 -29.90 26.35
CA SER D 177 22.24 -29.76 26.95
C SER D 177 23.38 -30.31 26.10
N ASP D 178 23.09 -30.81 24.90
CA ASP D 178 24.12 -31.29 24.01
C ASP D 178 24.41 -30.33 22.86
N GLY D 179 23.61 -29.29 22.68
CA GLY D 179 23.68 -28.45 21.50
C GLY D 179 22.61 -28.75 20.48
N SER D 180 21.66 -29.61 20.80
CA SER D 180 20.57 -29.97 19.90
C SER D 180 19.29 -29.28 20.35
N TYR D 181 18.45 -29.00 19.36
CA TYR D 181 17.09 -28.49 19.51
C TYR D 181 16.10 -29.64 19.43
N PHE D 182 14.94 -29.41 20.04
CA PHE D 182 13.88 -30.41 19.98
C PHE D 182 12.54 -29.73 20.27
N LEU D 183 11.46 -30.45 20.00
CA LEU D 183 10.11 -29.93 20.14
C LEU D 183 9.13 -31.08 20.30
N TYR D 184 7.86 -30.72 20.50
CA TYR D 184 6.71 -31.62 20.57
C TYR D 184 5.64 -31.12 19.60
N SER D 185 4.57 -31.90 19.49
CA SER D 185 3.39 -31.45 18.77
C SER D 185 2.19 -32.26 19.23
N LYS D 186 1.16 -31.54 19.68
CA LYS D 186 -0.10 -32.12 20.14
C LYS D 186 -1.08 -32.22 18.99
N LEU D 187 -1.87 -33.28 18.99
CA LEU D 187 -2.93 -33.51 18.01
C LEU D 187 -4.14 -34.05 18.74
N THR D 188 -5.18 -33.22 18.90
CA THR D 188 -6.37 -33.62 19.64
C THR D 188 -7.41 -34.19 18.66
N VAL D 189 -7.84 -35.42 18.93
CA VAL D 189 -8.83 -36.11 18.12
C VAL D 189 -9.98 -36.54 19.02
N ASP D 190 -11.05 -37.03 18.40
CA ASP D 190 -12.18 -37.58 19.14
C ASP D 190 -11.83 -38.96 19.68
N LYS D 191 -12.54 -39.35 20.74
CA LYS D 191 -12.42 -40.73 21.23
C LYS D 191 -12.80 -41.73 20.15
N SER D 192 -13.75 -41.37 19.29
CA SER D 192 -14.25 -42.28 18.26
C SER D 192 -13.15 -42.69 17.30
N ARG D 193 -12.51 -41.72 16.66
CA ARG D 193 -11.53 -42.03 15.61
C ARG D 193 -10.37 -42.86 16.15
N TRP D 194 -9.98 -42.63 17.40
CA TRP D 194 -8.83 -43.33 17.96
C TRP D 194 -9.21 -44.74 18.42
N GLN D 195 -10.34 -44.88 19.11
CA GLN D 195 -10.81 -46.21 19.49
C GLN D 195 -11.07 -47.08 18.27
N GLN D 196 -11.68 -46.51 17.23
CA GLN D 196 -11.91 -47.24 15.99
C GLN D 196 -10.63 -47.54 15.23
N GLY D 197 -9.51 -46.92 15.60
CA GLY D 197 -8.23 -47.26 15.01
C GLY D 197 -7.97 -46.63 13.66
N ASN D 198 -8.24 -45.34 13.53
CA ASN D 198 -7.88 -44.61 12.33
C ASN D 198 -6.42 -44.18 12.45
N VAL D 199 -5.58 -44.62 11.52
CA VAL D 199 -4.15 -44.35 11.60
C VAL D 199 -3.90 -42.85 11.41
N PHE D 200 -2.83 -42.36 12.07
CA PHE D 200 -2.43 -40.98 11.95
C PHE D 200 -0.94 -40.90 11.68
N SER D 201 -0.49 -39.74 11.21
CA SER D 201 0.89 -39.59 10.75
C SER D 201 1.45 -38.24 11.17
N CYS D 202 2.60 -38.27 11.84
CA CYS D 202 3.41 -37.08 12.08
C CYS D 202 4.44 -36.98 10.96
N SER D 203 4.40 -35.88 10.21
CA SER D 203 5.31 -35.65 9.09
C SER D 203 6.13 -34.41 9.38
N VAL D 204 7.43 -34.48 9.09
CA VAL D 204 8.33 -33.36 9.33
C VAL D 204 9.32 -33.24 8.18
N MET D 205 9.84 -32.03 8.02
CA MET D 205 10.89 -31.75 7.06
C MET D 205 11.91 -30.83 7.71
N HIS D 206 13.18 -31.07 7.37
CA HIS D 206 14.35 -30.42 7.95
C HIS D 206 15.55 -30.77 7.09
N GLU D 207 16.63 -29.99 7.24
CA GLU D 207 17.85 -30.23 6.49
C GLU D 207 18.43 -31.61 6.79
N ALA D 208 19.37 -32.02 5.94
CA ALA D 208 20.19 -33.22 6.15
C ALA D 208 19.33 -34.48 6.26
N LEU D 209 18.23 -34.53 5.53
CA LEU D 209 17.38 -35.71 5.46
C LEU D 209 17.32 -36.24 4.04
N HIS D 210 17.16 -37.55 3.90
CA HIS D 210 16.95 -38.16 2.60
C HIS D 210 15.72 -37.58 1.95
N ASN D 211 15.90 -36.86 0.85
CA ASN D 211 14.81 -36.16 0.16
C ASN D 211 14.05 -35.22 1.10
N HIS D 212 14.75 -34.75 2.14
CA HIS D 212 14.28 -33.70 3.05
C HIS D 212 13.10 -34.12 3.93
N TYR D 213 12.38 -35.17 3.56
CA TYR D 213 11.08 -35.48 4.16
C TYR D 213 11.14 -36.73 5.02
N THR D 214 10.44 -36.70 6.14
CA THR D 214 10.26 -37.88 6.98
C THR D 214 8.81 -37.94 7.44
N GLN D 215 8.26 -39.15 7.50
CA GLN D 215 6.88 -39.37 7.93
C GLN D 215 6.82 -40.65 8.74
N LYS D 216 6.24 -40.57 9.94
CA LYS D 216 6.03 -41.75 10.75
C LYS D 216 4.58 -41.81 11.19
N SER D 217 4.07 -43.03 11.39
CA SER D 217 2.64 -43.22 11.56
C SER D 217 2.37 -44.18 12.71
N LEU D 218 1.22 -44.00 13.34
CA LEU D 218 0.78 -44.90 14.40
C LEU D 218 -0.73 -45.09 14.36
N SER D 219 -1.17 -46.19 14.98
CA SER D 219 -2.57 -46.42 15.30
C SER D 219 -2.67 -47.02 16.70
N VAL D 220 -3.72 -47.80 16.95
CA VAL D 220 -3.89 -48.46 18.24
C VAL D 220 -3.55 -49.94 18.13
N SER D 221 -3.97 -50.70 19.13
CA SER D 221 -3.88 -52.16 19.13
C SER D 221 -4.85 -52.73 20.15
N GLU E 4 -46.21 -32.08 14.30
CA GLU E 4 -45.05 -32.95 14.14
C GLU E 4 -45.47 -34.41 14.01
N ASP E 5 -45.53 -34.88 12.77
CA ASP E 5 -45.96 -36.26 12.50
C ASP E 5 -44.90 -36.97 11.67
N LEU E 6 -45.13 -37.01 10.35
CA LEU E 6 -44.22 -37.65 9.43
C LEU E 6 -42.96 -36.81 9.25
N PRO E 7 -41.87 -37.39 8.74
CA PRO E 7 -40.70 -36.57 8.43
C PRO E 7 -41.01 -35.57 7.34
N LYS E 8 -40.66 -34.31 7.60
CA LYS E 8 -40.96 -33.21 6.69
C LYS E 8 -40.02 -33.27 5.49
N ALA E 9 -40.57 -33.51 4.30
CA ALA E 9 -39.73 -33.37 3.12
C ALA E 9 -39.34 -31.92 2.91
N VAL E 10 -38.37 -31.73 2.03
CA VAL E 10 -37.87 -30.41 1.69
C VAL E 10 -37.52 -30.40 0.20
N VAL E 11 -37.11 -29.23 -0.28
CA VAL E 11 -37.00 -28.94 -1.71
C VAL E 11 -35.55 -28.66 -2.04
N PHE E 12 -35.02 -29.34 -3.06
CA PHE E 12 -33.65 -29.11 -3.47
C PHE E 12 -33.63 -28.63 -4.93
N LEU E 13 -32.62 -27.81 -5.23
CA LEU E 13 -32.57 -26.98 -6.42
C LEU E 13 -31.61 -27.56 -7.46
N GLU E 14 -31.83 -27.18 -8.72
CA GLU E 14 -30.93 -27.52 -9.82
C GLU E 14 -30.83 -26.36 -10.80
N PRO E 15 -29.67 -25.68 -10.88
CA PRO E 15 -28.51 -25.85 -10.01
C PRO E 15 -28.69 -25.17 -8.65
N GLN E 16 -27.60 -24.95 -7.94
CA GLN E 16 -27.64 -24.46 -6.56
C GLN E 16 -27.83 -22.95 -6.47
N TRP E 17 -28.64 -22.37 -7.35
CA TRP E 17 -28.93 -20.94 -7.37
C TRP E 17 -30.44 -20.74 -7.43
N TYR E 18 -30.91 -19.64 -6.85
CA TYR E 18 -32.33 -19.32 -6.87
C TYR E 18 -32.65 -18.01 -7.60
N ARG E 19 -31.83 -16.98 -7.45
CA ARG E 19 -31.96 -15.79 -8.29
C ARG E 19 -31.49 -16.16 -9.70
N VAL E 20 -32.43 -16.41 -10.61
CA VAL E 20 -32.14 -16.93 -11.94
C VAL E 20 -32.75 -15.99 -12.98
N LEU E 21 -32.16 -15.98 -14.17
CA LEU E 21 -32.51 -14.98 -15.18
C LEU E 21 -33.61 -15.48 -16.12
N GLU E 22 -33.81 -14.75 -17.22
CA GLU E 22 -35.04 -14.78 -18.01
C GLU E 22 -35.08 -15.89 -19.06
N LYS E 23 -33.97 -16.58 -19.32
CA LYS E 23 -34.04 -17.72 -20.22
C LYS E 23 -32.94 -18.72 -19.84
N ASP E 24 -32.89 -19.06 -18.56
CA ASP E 24 -32.02 -20.12 -18.08
C ASP E 24 -32.84 -21.38 -17.86
N SER E 25 -32.15 -22.51 -17.75
CA SER E 25 -32.79 -23.77 -17.41
C SER E 25 -32.75 -23.96 -15.90
N VAL E 26 -33.88 -24.38 -15.34
CA VAL E 26 -33.93 -24.67 -13.90
C VAL E 26 -34.75 -25.94 -13.70
N THR E 27 -34.36 -26.73 -12.70
CA THR E 27 -34.95 -28.04 -12.45
C THR E 27 -35.10 -28.21 -10.95
N LEU E 28 -36.32 -28.41 -10.49
CA LEU E 28 -36.55 -28.61 -9.07
C LEU E 28 -36.68 -30.09 -8.77
N LYS E 29 -36.28 -30.51 -7.57
CA LYS E 29 -36.56 -31.89 -7.20
C LYS E 29 -36.79 -32.00 -5.70
N CYS E 30 -37.34 -33.13 -5.30
CA CYS E 30 -37.84 -33.36 -3.95
C CYS E 30 -37.21 -34.61 -3.38
N GLN E 31 -37.01 -34.60 -2.06
CA GLN E 31 -36.51 -35.76 -1.34
C GLN E 31 -37.46 -36.13 -0.21
N GLY E 32 -36.91 -36.78 0.81
CA GLY E 32 -37.63 -37.07 2.04
C GLY E 32 -38.74 -38.07 1.86
N ALA E 33 -39.24 -38.18 0.62
CA ALA E 33 -40.57 -38.65 0.38
C ALA E 33 -40.53 -39.91 -0.48
N TYR E 34 -40.82 -39.80 -1.77
CA TYR E 34 -40.74 -40.90 -2.72
C TYR E 34 -41.85 -41.92 -2.52
N SER E 35 -42.78 -41.96 -3.47
CA SER E 35 -43.81 -42.98 -3.51
C SER E 35 -43.15 -44.35 -3.52
N PRO E 36 -43.34 -45.15 -2.47
CA PRO E 36 -42.48 -46.32 -2.26
C PRO E 36 -42.37 -47.28 -3.43
N GLU E 37 -43.25 -47.13 -4.42
CA GLU E 37 -43.24 -48.04 -5.57
C GLU E 37 -43.56 -47.35 -6.89
N ASP E 38 -44.45 -46.36 -6.88
CA ASP E 38 -44.91 -45.67 -8.08
C ASP E 38 -44.71 -44.16 -7.89
N GLN E 39 -43.56 -43.65 -8.31
CA GLN E 39 -43.12 -42.30 -7.95
C GLN E 39 -44.23 -41.26 -8.16
N SER E 40 -44.58 -40.59 -7.07
CA SER E 40 -45.57 -39.51 -7.05
C SER E 40 -44.86 -38.19 -6.81
N THR E 41 -45.62 -37.10 -6.89
CA THR E 41 -45.02 -35.76 -6.81
C THR E 41 -45.91 -34.73 -6.13
N ARG E 42 -46.91 -34.24 -6.85
CA ARG E 42 -47.74 -33.12 -6.43
C ARG E 42 -46.87 -31.92 -6.03
N TRP E 43 -46.28 -31.31 -7.05
CA TRP E 43 -45.58 -30.05 -6.86
C TRP E 43 -46.56 -28.93 -6.55
N PHE E 44 -46.08 -27.92 -5.82
CA PHE E 44 -46.91 -26.80 -5.40
C PHE E 44 -46.25 -25.51 -5.83
N HIS E 45 -46.93 -24.75 -6.69
CA HIS E 45 -46.45 -23.49 -7.23
C HIS E 45 -47.29 -22.36 -6.63
N ASN E 46 -46.63 -21.47 -5.88
CA ASN E 46 -47.30 -20.32 -5.27
C ASN E 46 -48.48 -20.74 -4.39
N GLU E 47 -48.45 -21.98 -3.88
CA GLU E 47 -49.61 -22.64 -3.28
C GLU E 47 -50.69 -22.89 -4.34
N SER E 48 -50.35 -23.80 -5.25
CA SER E 48 -51.27 -24.32 -6.26
C SER E 48 -50.76 -25.69 -6.68
N LEU E 49 -51.19 -26.16 -7.86
CA LEU E 49 -50.85 -27.49 -8.32
C LEU E 49 -50.44 -27.48 -9.79
N ILE E 50 -49.58 -28.42 -10.14
CA ILE E 50 -49.06 -28.59 -11.50
C ILE E 50 -49.15 -30.07 -11.85
N SER E 51 -49.46 -30.35 -13.11
CA SER E 51 -49.43 -31.72 -13.61
C SER E 51 -48.12 -31.95 -14.34
N SER E 52 -47.28 -32.83 -13.80
CA SER E 52 -46.03 -33.22 -14.44
C SER E 52 -45.64 -34.62 -13.98
N GLN E 53 -46.11 -35.00 -12.79
CA GLN E 53 -45.97 -36.34 -12.23
C GLN E 53 -44.54 -36.83 -12.09
N THR E 54 -43.57 -36.07 -12.60
CA THR E 54 -42.17 -36.45 -12.55
C THR E 54 -41.57 -36.03 -11.22
N SER E 55 -40.77 -36.92 -10.63
CA SER E 55 -40.11 -36.60 -9.36
C SER E 55 -39.21 -35.39 -9.48
N SER E 56 -38.86 -35.00 -10.70
CA SER E 56 -38.23 -33.72 -11.00
C SER E 56 -39.29 -32.76 -11.53
N TYR E 57 -38.91 -31.52 -11.77
CA TYR E 57 -39.82 -30.59 -12.43
C TYR E 57 -39.00 -29.68 -13.32
N PHE E 58 -39.33 -29.70 -14.61
CA PHE E 58 -38.69 -28.90 -15.64
C PHE E 58 -39.18 -27.46 -15.59
N ILE E 59 -38.27 -26.53 -15.82
CA ILE E 59 -38.60 -25.22 -16.35
C ILE E 59 -37.47 -24.85 -17.31
N ALA E 60 -37.69 -25.09 -18.60
CA ALA E 60 -36.66 -24.81 -19.61
C ALA E 60 -36.65 -23.33 -19.97
N ALA E 61 -37.82 -22.75 -20.21
CA ALA E 61 -37.94 -21.34 -20.56
C ALA E 61 -38.56 -20.59 -19.38
N ALA E 62 -37.76 -20.40 -18.34
CA ALA E 62 -38.21 -19.68 -17.16
C ALA E 62 -38.43 -18.21 -17.49
N ARG E 63 -39.54 -17.65 -17.01
CA ARG E 63 -39.77 -16.21 -17.15
C ARG E 63 -40.78 -15.75 -16.12
N VAL E 64 -40.43 -14.65 -15.43
CA VAL E 64 -41.18 -13.94 -14.39
C VAL E 64 -42.31 -14.74 -13.76
N ASN E 65 -43.25 -15.21 -14.57
CA ASN E 65 -44.39 -15.96 -14.04
C ASN E 65 -43.96 -17.25 -13.36
N ASN E 66 -42.68 -17.58 -13.38
CA ASN E 66 -42.15 -18.76 -12.72
C ASN E 66 -41.45 -18.44 -11.41
N SER E 67 -41.66 -17.26 -10.85
CA SER E 67 -41.12 -16.91 -9.54
C SER E 67 -42.17 -17.13 -8.46
N GLY E 68 -41.73 -17.03 -7.20
CA GLY E 68 -42.63 -17.13 -6.06
C GLY E 68 -42.20 -18.23 -5.11
N GLU E 69 -43.17 -18.93 -4.53
CA GLU E 69 -42.91 -20.01 -3.59
C GLU E 69 -43.23 -21.35 -4.23
N TYR E 70 -42.31 -22.31 -4.07
CA TYR E 70 -42.50 -23.69 -4.51
C TYR E 70 -42.35 -24.62 -3.32
N ARG E 71 -43.08 -25.74 -3.39
CA ARG E 71 -43.10 -26.76 -2.35
C ARG E 71 -43.32 -28.13 -3.00
N CYS E 72 -43.07 -29.19 -2.25
CA CYS E 72 -43.20 -30.54 -2.77
C CYS E 72 -43.76 -31.50 -1.72
N GLN E 73 -44.78 -32.27 -2.11
CA GLN E 73 -45.42 -33.26 -1.24
C GLN E 73 -45.64 -34.56 -2.03
N THR E 74 -44.70 -35.50 -1.93
CA THR E 74 -44.87 -36.77 -2.62
C THR E 74 -45.91 -37.57 -1.83
N SER E 75 -45.76 -38.90 -1.73
CA SER E 75 -46.74 -39.68 -0.97
C SER E 75 -46.76 -39.28 0.48
N LEU E 76 -45.59 -39.23 1.10
CA LEU E 76 -45.47 -38.82 2.49
C LEU E 76 -45.17 -37.33 2.61
N SER E 77 -43.95 -37.02 3.06
CA SER E 77 -43.30 -35.75 2.82
C SER E 77 -43.91 -34.63 3.66
N THR E 78 -44.73 -35.01 4.63
CA THR E 78 -45.42 -34.05 5.47
C THR E 78 -45.90 -32.95 4.54
N LEU E 79 -45.32 -31.77 4.71
CA LEU E 79 -45.58 -30.57 3.86
C LEU E 79 -44.24 -29.83 3.75
N SER E 80 -43.59 -29.82 2.58
CA SER E 80 -42.27 -29.19 2.55
C SER E 80 -42.39 -27.70 2.87
N ASP E 81 -41.51 -27.23 3.75
CA ASP E 81 -41.45 -25.80 4.03
C ASP E 81 -41.10 -25.05 2.75
N PRO E 82 -41.60 -23.83 2.59
CA PRO E 82 -41.54 -23.16 1.28
C PRO E 82 -40.11 -22.82 0.86
N VAL E 83 -39.89 -22.80 -0.45
CA VAL E 83 -38.66 -22.26 -1.02
C VAL E 83 -39.03 -21.14 -1.99
N GLN E 84 -38.26 -20.07 -1.97
CA GLN E 84 -38.52 -18.91 -2.82
C GLN E 84 -37.61 -18.95 -4.04
N LEU E 85 -38.18 -18.64 -5.19
CA LEU E 85 -37.49 -18.62 -6.48
C LEU E 85 -37.67 -17.25 -7.09
N GLU E 86 -36.57 -16.64 -7.51
CA GLU E 86 -36.55 -15.27 -8.00
C GLU E 86 -36.07 -15.25 -9.45
N VAL E 87 -36.64 -14.36 -10.25
CA VAL E 87 -36.20 -14.11 -11.60
C VAL E 87 -36.15 -12.60 -11.84
N HIS E 88 -35.00 -12.12 -12.30
CA HIS E 88 -34.81 -10.72 -12.63
C HIS E 88 -34.49 -10.61 -14.12
N ILE E 89 -35.03 -9.59 -14.76
CA ILE E 89 -34.70 -9.33 -16.16
C ILE E 89 -33.40 -8.54 -16.22
N GLY E 90 -32.59 -8.79 -17.22
CA GLY E 90 -31.37 -8.04 -17.40
C GLY E 90 -30.28 -8.90 -18.02
N TRP E 91 -29.04 -8.49 -17.77
CA TRP E 91 -27.87 -9.12 -18.34
C TRP E 91 -27.09 -9.95 -17.34
N LEU E 92 -26.53 -9.32 -16.30
CA LEU E 92 -25.74 -10.03 -15.31
C LEU E 92 -26.48 -10.10 -13.97
N LEU E 93 -26.08 -11.07 -13.16
CA LEU E 93 -26.66 -11.19 -11.82
C LEU E 93 -25.63 -11.82 -10.89
N LEU E 94 -25.91 -11.76 -9.60
CA LEU E 94 -25.06 -12.39 -8.58
C LEU E 94 -25.84 -13.56 -7.97
N GLN E 95 -25.70 -14.73 -8.59
CA GLN E 95 -26.38 -15.93 -8.12
C GLN E 95 -25.70 -16.46 -6.87
N ALA E 96 -26.52 -16.84 -5.89
CA ALA E 96 -26.11 -17.21 -4.55
C ALA E 96 -26.87 -18.46 -4.12
N PRO E 97 -26.30 -19.25 -3.20
CA PRO E 97 -27.05 -20.36 -2.60
C PRO E 97 -27.82 -19.92 -1.37
N ARG E 98 -27.13 -19.27 -0.43
CA ARG E 98 -27.74 -18.74 0.77
C ARG E 98 -27.50 -17.23 0.83
N TRP E 99 -28.32 -16.56 1.65
CA TRP E 99 -28.13 -15.14 1.93
C TRP E 99 -28.03 -14.85 3.43
N VAL E 100 -27.86 -15.87 4.26
CA VAL E 100 -27.80 -15.73 5.72
C VAL E 100 -26.45 -16.27 6.18
N PHE E 101 -25.47 -15.37 6.29
CA PHE E 101 -24.10 -15.71 6.69
C PHE E 101 -23.71 -14.89 7.91
N LYS E 102 -24.04 -15.39 9.10
CA LYS E 102 -23.62 -14.77 10.35
C LYS E 102 -22.42 -15.51 10.90
N GLU E 103 -21.36 -14.75 11.23
CA GLU E 103 -20.14 -15.25 11.87
C GLU E 103 -19.31 -16.14 10.95
N GLU E 104 -19.84 -17.30 10.53
CA GLU E 104 -19.10 -18.13 9.58
C GLU E 104 -19.94 -19.24 8.97
N GLU E 105 -19.92 -19.35 7.64
CA GLU E 105 -20.26 -20.56 6.87
C GLU E 105 -19.51 -20.54 5.55
N SER E 106 -20.08 -21.08 4.48
CA SER E 106 -19.43 -21.16 3.18
C SER E 106 -20.06 -20.17 2.21
N ILE E 107 -19.24 -19.50 1.41
CA ILE E 107 -19.73 -18.48 0.48
C ILE E 107 -19.31 -18.85 -0.94
N HIS E 108 -20.29 -18.91 -1.84
CA HIS E 108 -20.10 -19.40 -3.20
C HIS E 108 -20.98 -18.57 -4.12
N LEU E 109 -20.40 -17.58 -4.78
CA LEU E 109 -21.18 -16.65 -5.61
C LEU E 109 -20.78 -16.76 -7.07
N ARG E 110 -21.75 -16.53 -7.95
CA ARG E 110 -21.54 -16.63 -9.40
C ARG E 110 -22.05 -15.37 -10.08
N CYS E 111 -21.16 -14.66 -10.79
CA CYS E 111 -21.59 -13.55 -11.62
C CYS E 111 -22.14 -14.12 -12.92
N HIS E 112 -23.45 -14.38 -12.92
CA HIS E 112 -24.09 -15.07 -14.02
C HIS E 112 -24.35 -14.16 -15.21
N SER E 113 -24.06 -14.68 -16.40
CA SER E 113 -24.23 -14.03 -17.69
C SER E 113 -25.68 -14.05 -18.16
N TRP E 114 -25.87 -14.16 -19.47
CA TRP E 114 -27.18 -14.36 -20.05
C TRP E 114 -27.04 -15.23 -21.29
N LYS E 115 -27.88 -16.26 -21.40
CA LYS E 115 -27.80 -17.26 -22.46
C LYS E 115 -26.38 -17.82 -22.55
N ASN E 116 -25.84 -18.18 -21.38
CA ASN E 116 -24.46 -18.63 -21.18
C ASN E 116 -23.47 -18.01 -22.17
N THR E 117 -23.67 -16.73 -22.51
CA THR E 117 -22.72 -16.01 -23.34
C THR E 117 -21.58 -15.48 -22.48
N LEU E 118 -20.35 -15.74 -22.91
CA LEU E 118 -19.18 -15.53 -22.07
C LEU E 118 -19.00 -14.06 -21.69
N LEU E 119 -18.17 -13.82 -20.68
CA LEU E 119 -17.82 -12.49 -20.21
C LEU E 119 -16.31 -12.31 -20.16
N HIS E 120 -15.89 -11.07 -20.39
CA HIS E 120 -14.50 -10.70 -20.22
C HIS E 120 -14.39 -9.71 -19.07
N LYS E 121 -13.29 -9.82 -18.33
CA LYS E 121 -12.91 -8.85 -17.31
C LYS E 121 -14.03 -8.64 -16.28
N VAL E 122 -14.45 -9.75 -15.67
CA VAL E 122 -15.50 -9.72 -14.65
C VAL E 122 -14.85 -9.50 -13.29
N THR E 123 -15.50 -8.69 -12.45
CA THR E 123 -15.04 -8.52 -11.08
C THR E 123 -16.22 -8.48 -10.14
N TYR E 124 -16.02 -9.06 -8.96
CA TYR E 124 -16.97 -8.99 -7.86
C TYR E 124 -16.60 -7.82 -6.95
N LEU E 125 -17.60 -7.33 -6.22
CA LEU E 125 -17.46 -6.08 -5.47
C LEU E 125 -17.98 -6.26 -4.04
N GLN E 126 -17.32 -5.56 -3.13
CA GLN E 126 -17.57 -5.46 -1.69
C GLN E 126 -17.87 -3.99 -1.42
N ASN E 127 -19.14 -3.63 -1.54
CA ASN E 127 -19.63 -2.29 -1.21
C ASN E 127 -18.84 -1.22 -1.96
N GLY E 128 -18.77 -1.38 -3.29
CA GLY E 128 -18.00 -0.49 -4.14
C GLY E 128 -16.54 -0.86 -4.32
N LYS E 129 -15.93 -1.50 -3.31
CA LYS E 129 -14.53 -1.91 -3.39
C LYS E 129 -14.40 -3.25 -4.11
N GLY E 130 -13.31 -3.43 -4.82
CA GLY E 130 -13.09 -4.73 -5.45
C GLY E 130 -12.37 -5.68 -4.51
N ARG E 131 -12.46 -6.99 -4.81
CA ARG E 131 -11.77 -7.97 -3.96
C ARG E 131 -10.97 -9.00 -4.76
N LYS E 132 -11.58 -9.68 -5.73
CA LYS E 132 -10.84 -10.62 -6.58
C LYS E 132 -11.32 -10.49 -8.02
N TYR E 133 -10.43 -10.04 -8.90
CA TYR E 133 -10.68 -9.89 -10.32
C TYR E 133 -10.09 -11.06 -11.09
N PHE E 134 -10.90 -11.67 -11.96
CA PHE E 134 -10.45 -12.66 -12.92
C PHE E 134 -10.72 -12.16 -14.32
N HIS E 135 -9.97 -12.68 -15.29
CA HIS E 135 -10.11 -12.22 -16.67
C HIS E 135 -11.38 -12.76 -17.30
N GLN E 136 -11.54 -14.09 -17.33
CA GLN E 136 -12.74 -14.70 -17.87
C GLN E 136 -13.76 -14.95 -16.76
N ASN E 137 -14.89 -15.55 -17.13
CA ASN E 137 -15.92 -15.85 -16.17
C ASN E 137 -15.49 -16.96 -15.23
N SER E 138 -15.85 -16.83 -13.96
CA SER E 138 -15.60 -17.84 -12.93
C SER E 138 -16.29 -17.41 -11.65
N ASP E 139 -16.31 -18.31 -10.68
CA ASP E 139 -17.03 -18.12 -9.43
C ASP E 139 -16.11 -17.60 -8.34
N PHE E 140 -16.71 -16.91 -7.36
CA PHE E 140 -15.99 -16.41 -6.20
C PHE E 140 -16.31 -17.30 -5.01
N TYR E 141 -15.29 -17.98 -4.48
CA TYR E 141 -15.40 -18.84 -3.32
C TYR E 141 -14.69 -18.19 -2.13
N ILE E 142 -15.33 -18.24 -0.96
CA ILE E 142 -14.59 -18.01 0.29
C ILE E 142 -15.11 -18.90 1.42
N PRO E 143 -14.22 -19.59 2.12
CA PRO E 143 -14.56 -20.14 3.44
C PRO E 143 -14.15 -19.17 4.53
N LYS E 144 -14.87 -19.25 5.66
CA LYS E 144 -14.70 -18.35 6.80
C LYS E 144 -15.11 -16.92 6.44
N ALA E 145 -16.05 -16.36 7.20
CA ALA E 145 -16.59 -15.04 6.89
C ALA E 145 -15.66 -13.93 7.36
N THR E 146 -15.83 -12.75 6.77
CA THR E 146 -14.96 -11.61 7.01
C THR E 146 -15.68 -10.48 7.74
N LEU E 147 -16.73 -10.79 8.51
CA LEU E 147 -17.49 -9.91 9.39
C LEU E 147 -17.86 -8.53 8.85
N LYS E 148 -17.40 -8.15 7.66
CA LYS E 148 -17.96 -6.99 7.00
C LYS E 148 -18.19 -7.25 5.50
N ASP E 149 -18.07 -8.51 5.05
CA ASP E 149 -18.78 -8.86 3.82
C ASP E 149 -20.26 -8.55 3.99
N SER E 150 -20.73 -8.58 5.24
CA SER E 150 -21.96 -7.91 5.67
C SER E 150 -22.07 -6.59 4.92
N GLY E 151 -22.79 -6.59 3.82
CA GLY E 151 -22.85 -5.43 2.97
C GLY E 151 -23.31 -5.81 1.58
N SER E 152 -23.24 -4.81 0.70
CA SER E 152 -23.72 -4.96 -0.66
C SER E 152 -22.66 -5.62 -1.52
N TYR E 153 -23.07 -6.66 -2.25
CA TYR E 153 -22.25 -7.32 -3.24
C TYR E 153 -22.94 -7.24 -4.60
N PHE E 154 -22.14 -7.12 -5.65
CA PHE E 154 -22.59 -7.29 -7.02
C PHE E 154 -21.35 -7.45 -7.89
N CYS E 155 -21.53 -7.45 -9.21
CA CYS E 155 -20.43 -7.69 -10.12
C CYS E 155 -20.62 -6.88 -11.40
N ARG E 156 -19.50 -6.55 -12.04
CA ARG E 156 -19.48 -5.83 -13.30
C ARG E 156 -18.66 -6.62 -14.31
N GLY E 157 -19.04 -6.54 -15.58
CA GLY E 157 -18.33 -7.27 -16.61
C GLY E 157 -18.48 -6.64 -17.97
N LEU E 158 -17.58 -7.01 -18.89
CA LEU E 158 -17.57 -6.45 -20.24
C LEU E 158 -17.86 -7.59 -21.20
N ILE E 159 -19.02 -7.51 -21.87
CA ILE E 159 -19.42 -8.50 -22.86
C ILE E 159 -18.90 -7.99 -24.20
N GLY E 160 -17.84 -8.61 -24.70
CA GLY E 160 -17.21 -8.19 -25.93
C GLY E 160 -16.66 -6.78 -25.86
N SER E 161 -17.57 -5.82 -25.79
CA SER E 161 -17.22 -4.43 -25.52
C SER E 161 -18.24 -3.71 -24.65
N LYS E 162 -19.51 -4.11 -24.65
CA LYS E 162 -20.50 -3.40 -23.85
C LYS E 162 -20.28 -3.68 -22.37
N ASN E 163 -20.20 -2.61 -21.60
CA ASN E 163 -19.91 -2.65 -20.18
C ASN E 163 -21.20 -2.68 -19.40
N VAL E 164 -21.35 -3.65 -18.51
CA VAL E 164 -22.65 -3.95 -17.91
C VAL E 164 -22.47 -4.31 -16.44
N SER E 165 -23.46 -3.92 -15.65
CA SER E 165 -23.46 -4.07 -14.20
C SER E 165 -24.62 -4.95 -13.76
N SER E 166 -24.60 -5.33 -12.49
CA SER E 166 -25.64 -6.15 -11.88
C SER E 166 -26.31 -5.37 -10.75
N GLU E 167 -27.13 -6.05 -9.96
CA GLU E 167 -27.99 -5.43 -8.96
C GLU E 167 -27.48 -5.72 -7.55
N THR E 168 -27.80 -4.80 -6.63
CA THR E 168 -27.46 -4.95 -5.22
C THR E 168 -27.91 -6.29 -4.66
N VAL E 169 -27.00 -6.96 -3.95
CA VAL E 169 -27.36 -8.07 -3.07
C VAL E 169 -26.64 -7.87 -1.75
N GLN E 170 -27.33 -7.36 -0.74
CA GLN E 170 -26.71 -7.21 0.57
C GLN E 170 -26.84 -8.52 1.32
N ILE E 171 -25.71 -9.06 1.77
CA ILE E 171 -25.72 -10.23 2.64
C ILE E 171 -25.00 -9.84 3.93
N THR E 172 -25.67 -10.09 5.05
CA THR E 172 -25.16 -9.69 6.36
C THR E 172 -24.57 -10.91 7.05
N GLU F 4 58.77 30.41 5.56
CA GLU F 4 58.68 31.87 5.57
C GLU F 4 59.32 32.43 6.84
N ASP F 5 59.54 33.74 6.94
CA ASP F 5 60.24 34.30 8.11
C ASP F 5 59.53 35.55 8.64
N LEU F 6 58.20 35.60 8.47
CA LEU F 6 57.39 36.76 8.93
C LEU F 6 56.26 36.28 9.84
N PRO F 7 55.44 37.16 10.47
CA PRO F 7 54.35 36.70 11.35
C PRO F 7 53.36 35.77 10.66
N LYS F 8 53.62 34.47 10.79
CA LYS F 8 52.80 33.47 10.12
C LYS F 8 51.35 33.63 10.54
N ALA F 9 50.48 33.83 9.57
CA ALA F 9 49.05 33.71 9.82
C ALA F 9 48.74 32.30 10.27
N VAL F 10 47.55 32.11 10.82
CA VAL F 10 47.12 30.77 11.20
C VAL F 10 45.60 30.72 11.14
N VAL F 11 45.10 29.56 10.71
CA VAL F 11 43.69 29.26 10.58
C VAL F 11 43.18 28.72 11.91
N PHE F 12 42.02 29.20 12.33
CA PHE F 12 41.31 28.67 13.47
C PHE F 12 39.94 28.21 12.99
N LEU F 13 39.69 26.91 13.13
CA LEU F 13 38.39 26.35 12.83
C LEU F 13 37.38 26.79 13.88
N GLU F 14 36.12 26.92 13.48
CA GLU F 14 35.07 27.23 14.42
C GLU F 14 33.82 26.43 14.06
N PRO F 15 33.22 25.73 15.03
CA PRO F 15 33.78 25.62 16.38
C PRO F 15 34.99 24.69 16.41
N GLN F 16 35.81 24.79 17.46
CA GLN F 16 37.16 24.22 17.46
C GLN F 16 37.19 22.69 17.34
N TRP F 17 36.54 22.16 16.31
CA TRP F 17 36.64 20.75 15.98
C TRP F 17 37.07 20.59 14.53
N TYR F 18 37.59 19.40 14.23
CA TYR F 18 38.02 19.00 12.91
C TYR F 18 37.25 17.79 12.39
N ARG F 19 36.94 16.84 13.26
CA ARG F 19 36.03 15.75 12.91
C ARG F 19 34.60 16.28 12.90
N VAL F 20 33.95 16.25 11.74
CA VAL F 20 32.55 16.66 11.67
C VAL F 20 31.74 15.69 10.82
N LEU F 21 30.43 15.87 10.83
CA LEU F 21 29.49 15.00 10.15
C LEU F 21 29.17 15.57 8.77
N GLU F 22 28.04 15.12 8.18
CA GLU F 22 27.55 15.72 6.95
C GLU F 22 27.07 17.14 7.20
N LYS F 23 25.78 17.30 7.44
CA LYS F 23 25.21 18.65 7.57
C LYS F 23 25.63 19.33 8.86
N ASP F 24 26.94 19.42 9.09
CA ASP F 24 27.51 20.33 10.07
C ASP F 24 27.90 21.63 9.36
N SER F 25 27.98 22.71 10.14
CA SER F 25 28.32 24.03 9.60
C SER F 25 29.61 24.50 10.27
N VAL F 26 30.74 24.09 9.71
CA VAL F 26 32.03 24.61 10.13
C VAL F 26 32.30 25.92 9.42
N THR F 27 33.15 26.76 10.01
CA THR F 27 33.60 27.97 9.32
C THR F 27 35.00 28.31 9.83
N LEU F 28 35.84 28.81 8.94
CA LEU F 28 37.25 29.01 9.23
C LEU F 28 37.55 30.51 9.33
N LYS F 29 38.42 30.86 10.26
CA LYS F 29 38.90 32.24 10.39
C LYS F 29 40.42 32.27 10.23
N CYS F 30 40.91 33.36 9.64
CA CYS F 30 42.34 33.58 9.47
C CYS F 30 42.78 34.70 10.40
N GLN F 31 43.88 34.49 11.12
CA GLN F 31 44.39 35.56 11.98
C GLN F 31 45.88 35.78 11.73
N GLY F 32 46.29 37.03 11.90
CA GLY F 32 47.63 37.51 11.58
C GLY F 32 47.67 38.66 10.60
N ALA F 33 46.55 38.99 9.95
CA ALA F 33 46.53 39.93 8.85
C ALA F 33 46.55 41.38 9.33
N TYR F 34 47.52 42.14 8.87
CA TYR F 34 47.65 43.57 9.10
C TYR F 34 47.10 44.33 7.89
N SER F 35 47.50 45.59 7.72
CA SER F 35 47.06 46.51 6.68
C SER F 35 45.54 46.67 6.72
N PRO F 36 45.03 47.57 7.56
CA PRO F 36 43.61 47.92 7.49
C PRO F 36 43.22 48.64 6.22
N GLU F 37 44.17 48.85 5.31
CA GLU F 37 43.94 49.47 4.02
C GLU F 37 42.81 48.76 3.30
N ASP F 38 43.02 47.50 2.92
CA ASP F 38 41.91 46.61 2.55
C ASP F 38 42.34 45.20 2.93
N GLN F 39 41.89 44.74 4.09
CA GLN F 39 42.28 43.45 4.65
C GLN F 39 41.39 42.36 4.08
N SER F 40 42.01 41.25 3.64
CA SER F 40 41.29 40.18 2.96
C SER F 40 42.22 39.07 2.50
N THR F 41 41.90 38.49 1.34
CA THR F 41 42.78 37.73 0.45
C THR F 41 43.08 36.29 0.86
N ARG F 42 42.97 35.39 -0.12
CA ARG F 42 43.58 34.06 -0.16
C ARG F 42 43.10 33.08 0.92
N TRP F 43 42.39 32.05 0.48
CA TRP F 43 41.92 30.94 1.30
C TRP F 43 42.06 29.70 0.43
N PHE F 44 42.61 28.62 0.96
CA PHE F 44 42.99 27.48 0.13
C PHE F 44 42.27 26.21 0.59
N HIS F 45 42.22 25.23 -0.31
CA HIS F 45 41.50 23.96 -0.11
C HIS F 45 42.23 22.84 -0.84
N ASN F 46 42.66 21.82 -0.08
CA ASN F 46 43.47 20.72 -0.60
C ASN F 46 44.47 21.25 -1.64
N GLU F 47 45.12 22.35 -1.26
CA GLU F 47 46.15 23.01 -2.05
C GLU F 47 45.62 23.60 -3.35
N SER F 48 44.37 24.08 -3.34
CA SER F 48 43.82 24.81 -4.46
C SER F 48 43.75 26.30 -4.14
N LEU F 49 43.08 27.06 -5.01
CA LEU F 49 42.77 28.47 -4.76
C LEU F 49 41.26 28.61 -4.68
N ILE F 50 40.77 28.98 -3.50
CA ILE F 50 39.34 29.17 -3.30
C ILE F 50 38.98 30.61 -3.63
N SER F 51 38.09 30.78 -4.61
CA SER F 51 37.63 32.09 -5.04
C SER F 51 36.91 32.81 -3.91
N SER F 52 37.67 33.24 -2.90
CA SER F 52 37.10 33.94 -1.76
C SER F 52 38.09 34.98 -1.27
N GLN F 53 37.57 35.99 -0.57
CA GLN F 53 38.38 37.06 -0.03
C GLN F 53 38.02 37.40 1.40
N THR F 54 36.93 36.87 1.94
CA THR F 54 36.36 37.30 3.20
C THR F 54 37.32 37.02 4.36
N SER F 55 37.15 37.78 5.46
CA SER F 55 37.78 37.46 6.72
C SER F 55 37.64 35.98 7.06
N SER F 56 36.43 35.45 6.88
CA SER F 56 36.10 34.08 7.27
C SER F 56 35.54 33.31 6.08
N TYR F 57 35.99 32.08 5.91
CA TYR F 57 35.47 31.19 4.87
C TYR F 57 34.40 30.31 5.48
N PHE F 58 33.18 30.41 4.96
CA PHE F 58 32.01 29.84 5.62
C PHE F 58 31.54 28.58 4.90
N ILE F 59 31.42 27.49 5.65
CA ILE F 59 30.71 26.29 5.22
C ILE F 59 29.38 26.27 5.96
N ALA F 60 28.32 25.82 5.28
CA ALA F 60 27.01 25.64 5.90
C ALA F 60 26.60 24.18 5.99
N ALA F 61 26.80 23.41 4.92
CA ALA F 61 26.48 21.99 4.89
C ALA F 61 27.74 21.25 4.46
N ALA F 62 28.54 20.82 5.44
CA ALA F 62 29.76 20.09 5.14
C ALA F 62 29.43 18.81 4.38
N ARG F 63 30.26 18.48 3.40
CA ARG F 63 30.04 17.32 2.55
C ARG F 63 31.39 16.82 2.10
N VAL F 64 31.56 15.50 2.05
CA VAL F 64 32.83 14.81 1.79
C VAL F 64 33.91 15.67 1.13
N ASN F 65 33.60 16.33 0.00
CA ASN F 65 34.61 17.06 -0.77
C ASN F 65 35.20 18.24 -0.01
N ASN F 66 34.42 18.85 0.87
CA ASN F 66 34.84 19.92 1.76
C ASN F 66 36.00 19.51 2.67
N SER F 67 36.23 18.22 2.89
CA SER F 67 37.34 17.87 3.75
C SER F 67 38.67 18.08 3.02
N GLY F 68 39.70 18.42 3.78
CA GLY F 68 40.99 18.69 3.17
C GLY F 68 42.03 19.11 4.19
N GLU F 69 43.12 19.66 3.67
CA GLU F 69 44.09 20.40 4.48
C GLU F 69 43.94 21.85 4.05
N TYR F 70 43.29 22.64 4.89
CA TYR F 70 43.09 24.03 4.50
C TYR F 70 44.23 24.93 5.02
N ARG F 71 44.40 26.06 4.33
CA ARG F 71 45.45 27.03 4.61
C ARG F 71 44.92 28.43 4.36
N CYS F 72 45.46 29.41 5.08
CA CYS F 72 45.14 30.81 4.86
C CYS F 72 46.40 31.65 4.82
N GLN F 73 46.51 32.45 3.77
CA GLN F 73 47.39 33.61 3.69
C GLN F 73 46.48 34.84 3.58
N THR F 74 47.04 36.00 3.91
CA THR F 74 46.30 37.26 3.77
C THR F 74 47.27 38.36 3.36
N SER F 75 46.73 39.59 3.29
CA SER F 75 47.53 40.77 3.00
C SER F 75 48.61 40.92 4.05
N LEU F 76 49.86 40.67 3.65
CA LEU F 76 51.05 40.73 4.54
C LEU F 76 50.89 39.74 5.71
N SER F 77 51.13 38.47 5.44
CA SER F 77 51.02 37.46 6.48
C SER F 77 51.54 36.17 5.90
N THR F 78 52.68 35.72 6.39
CA THR F 78 53.23 34.49 5.85
C THR F 78 52.28 33.33 6.11
N LEU F 79 52.34 32.36 5.21
CA LEU F 79 51.32 31.33 5.07
C LEU F 79 51.17 30.53 6.36
N SER F 80 50.01 29.91 6.52
CA SER F 80 49.63 29.21 7.73
C SER F 80 49.87 27.71 7.61
N ASP F 81 50.01 27.06 8.76
CA ASP F 81 50.16 25.62 8.79
C ASP F 81 48.95 24.96 8.12
N PRO F 82 49.16 23.89 7.36
CA PRO F 82 48.01 23.08 6.92
C PRO F 82 47.25 22.60 8.14
N VAL F 83 45.93 22.77 8.13
CA VAL F 83 45.11 22.26 9.21
C VAL F 83 44.28 21.09 8.68
N GLN F 84 44.22 20.04 9.50
CA GLN F 84 43.37 18.88 9.26
C GLN F 84 41.91 19.28 9.17
N LEU F 85 41.19 18.62 8.27
CA LEU F 85 39.73 18.68 8.35
C LEU F 85 39.17 17.46 7.63
N GLU F 86 38.36 16.67 8.34
CA GLU F 86 37.70 15.52 7.75
C GLU F 86 36.25 15.40 8.22
N VAL F 87 35.42 14.93 7.29
CA VAL F 87 34.02 14.68 7.54
C VAL F 87 33.80 13.18 7.43
N HIS F 88 32.73 12.71 8.09
CA HIS F 88 32.38 11.30 8.06
C HIS F 88 30.90 11.16 7.76
N ILE F 89 30.56 10.03 7.13
CA ILE F 89 29.17 9.62 6.95
C ILE F 89 28.80 8.75 8.14
N GLY F 90 27.94 9.26 9.02
CA GLY F 90 27.59 8.53 10.20
C GLY F 90 26.56 9.28 11.01
N TRP F 91 25.87 8.53 11.88
CA TRP F 91 24.84 9.13 12.72
C TRP F 91 25.47 9.99 13.81
N LEU F 92 26.31 9.40 14.65
CA LEU F 92 26.96 10.09 15.75
C LEU F 92 28.46 10.07 15.58
N LEU F 93 29.14 11.05 16.18
CA LEU F 93 30.59 11.09 16.17
C LEU F 93 31.08 11.66 17.50
N LEU F 94 32.36 11.45 17.78
CA LEU F 94 32.98 11.96 18.99
C LEU F 94 33.92 13.11 18.62
N GLN F 95 33.58 14.30 19.09
CA GLN F 95 34.31 15.52 18.80
C GLN F 95 35.24 15.84 19.97
N ALA F 96 36.50 16.13 19.66
CA ALA F 96 37.53 16.43 20.64
C ALA F 96 38.57 17.35 20.01
N PRO F 97 38.92 18.46 20.66
CA PRO F 97 39.93 19.37 20.08
C PRO F 97 41.30 18.74 19.91
N ARG F 98 41.63 17.72 20.70
CA ARG F 98 42.94 17.07 20.67
C ARG F 98 42.76 15.58 20.92
N TRP F 99 43.83 14.82 20.69
CA TRP F 99 43.93 13.47 21.23
C TRP F 99 45.30 13.23 21.84
N VAL F 100 45.94 14.30 22.35
CA VAL F 100 47.29 14.20 22.91
C VAL F 100 47.33 14.65 24.37
N PHE F 101 47.00 13.73 25.28
CA PHE F 101 46.89 14.05 26.71
C PHE F 101 47.65 12.99 27.51
N LYS F 102 48.88 13.33 27.89
CA LYS F 102 49.64 12.61 28.91
C LYS F 102 50.03 13.62 29.98
N GLU F 103 50.13 13.13 31.23
CA GLU F 103 50.41 13.96 32.39
C GLU F 103 49.24 14.90 32.71
N GLU F 104 49.49 16.21 32.82
CA GLU F 104 48.53 17.15 33.41
C GLU F 104 48.07 18.16 32.37
N GLU F 105 46.78 18.12 32.01
CA GLU F 105 46.21 19.03 31.02
C GLU F 105 44.71 19.15 31.25
N SER F 106 44.02 19.84 30.34
CA SER F 106 42.57 20.00 30.35
C SER F 106 41.96 19.32 29.13
N ILE F 107 40.85 18.59 29.35
CA ILE F 107 40.20 17.80 28.33
C ILE F 107 38.70 18.03 28.37
N HIS F 108 38.05 17.94 27.20
CA HIS F 108 36.62 18.25 27.11
C HIS F 108 36.04 17.64 25.84
N LEU F 109 35.64 16.36 25.93
CA LEU F 109 35.06 15.65 24.81
C LEU F 109 33.64 16.14 24.53
N ARG F 110 33.03 15.60 23.47
CA ARG F 110 31.63 15.87 23.19
C ARG F 110 31.08 14.83 22.23
N CYS F 111 29.87 14.35 22.50
CA CYS F 111 29.20 13.39 21.62
C CYS F 111 28.33 14.18 20.64
N HIS F 112 28.83 14.38 19.43
CA HIS F 112 28.11 15.20 18.46
C HIS F 112 27.10 14.36 17.69
N SER F 113 25.90 14.91 17.55
CA SER F 113 24.78 14.28 16.86
C SER F 113 24.59 14.89 15.48
N TRP F 114 23.89 14.15 14.62
CA TRP F 114 23.56 14.63 13.29
C TRP F 114 22.43 15.65 13.37
N LYS F 115 22.64 16.81 12.74
CA LYS F 115 21.70 17.92 12.73
C LYS F 115 21.40 18.44 14.15
N ASN F 116 22.26 18.11 15.11
CA ASN F 116 22.00 18.42 16.52
C ASN F 116 20.63 17.90 16.94
N THR F 117 20.35 16.66 16.52
CA THR F 117 19.09 16.02 16.90
C THR F 117 19.08 15.75 18.39
N LEU F 118 17.93 15.98 19.02
CA LEU F 118 17.77 15.64 20.42
C LEU F 118 18.11 14.16 20.65
N LEU F 119 18.88 13.89 21.69
CA LEU F 119 19.36 12.55 21.98
C LEU F 119 18.86 12.11 23.35
N HIS F 120 18.70 10.81 23.52
CA HIS F 120 18.35 10.24 24.82
C HIS F 120 19.38 9.22 25.24
N LYS F 121 19.71 9.26 26.53
CA LYS F 121 20.62 8.31 27.19
C LYS F 121 21.99 8.32 26.53
N VAL F 122 22.89 9.20 26.98
CA VAL F 122 24.25 9.26 26.44
C VAL F 122 25.22 8.76 27.51
N THR F 123 26.18 7.94 27.08
CA THR F 123 27.25 7.45 27.92
C THR F 123 28.55 7.50 27.14
N TYR F 124 29.58 8.08 27.74
CA TYR F 124 30.93 8.05 27.18
C TYR F 124 31.65 6.81 27.69
N LEU F 125 32.35 6.14 26.78
CA LEU F 125 32.93 4.84 27.06
C LEU F 125 34.44 4.94 27.19
N GLN F 126 35.04 3.85 27.66
CA GLN F 126 36.41 3.74 28.18
C GLN F 126 36.79 2.28 27.99
N ASN F 127 37.32 1.98 26.80
CA ASN F 127 37.65 0.61 26.40
C ASN F 127 36.47 -0.32 26.60
N GLY F 128 35.29 0.14 26.18
CA GLY F 128 34.05 -0.59 26.36
C GLY F 128 33.31 -0.30 27.65
N LYS F 129 34.03 -0.03 28.74
CA LYS F 129 33.40 0.23 30.03
C LYS F 129 32.96 1.69 30.12
N GLY F 130 31.88 1.95 30.86
CA GLY F 130 31.34 3.29 30.92
C GLY F 130 32.29 4.32 31.53
N ARG F 131 31.81 5.57 31.59
CA ARG F 131 32.52 6.62 32.31
C ARG F 131 31.56 7.55 33.07
N LYS F 132 30.55 8.09 32.40
CA LYS F 132 29.52 8.83 33.11
C LYS F 132 28.30 8.99 32.23
N TYR F 133 27.13 8.77 32.82
CA TYR F 133 25.86 8.83 32.12
C TYR F 133 25.26 10.24 32.19
N PHE F 134 24.66 10.66 31.09
CA PHE F 134 23.79 11.82 31.05
C PHE F 134 22.59 11.42 30.19
N HIS F 135 21.39 11.82 30.60
CA HIS F 135 20.23 11.64 29.74
C HIS F 135 20.08 12.79 28.77
N GLN F 136 20.03 14.02 29.29
CA GLN F 136 20.25 15.17 28.45
C GLN F 136 21.70 15.11 28.00
N ASN F 137 21.91 14.88 26.71
CA ASN F 137 23.26 14.81 26.19
C ASN F 137 23.99 16.10 26.55
N SER F 138 25.24 15.96 26.97
CA SER F 138 25.99 17.10 27.45
C SER F 138 27.46 16.90 27.13
N ASP F 139 28.29 17.81 27.61
CA ASP F 139 29.73 17.75 27.46
C ASP F 139 30.34 17.06 28.67
N PHE F 140 31.45 16.37 28.46
CA PHE F 140 32.16 15.68 29.53
C PHE F 140 33.28 16.56 30.03
N TYR F 141 33.44 16.62 31.36
CA TYR F 141 34.26 17.63 32.02
C TYR F 141 35.68 17.20 32.32
N ILE F 142 36.19 17.66 33.46
CA ILE F 142 37.34 17.15 34.20
C ILE F 142 38.66 17.30 33.45
N PRO F 143 39.78 17.52 34.16
CA PRO F 143 41.09 17.52 33.50
C PRO F 143 41.95 16.31 33.87
N LYS F 144 43.24 16.38 33.54
CA LYS F 144 44.29 15.45 33.96
C LYS F 144 44.22 14.15 33.19
N ALA F 145 45.38 13.58 32.84
CA ALA F 145 45.40 12.19 32.40
C ALA F 145 45.10 11.26 33.57
N THR F 146 44.56 10.08 33.28
CA THR F 146 43.90 9.29 34.31
C THR F 146 44.50 7.90 34.54
N LEU F 147 45.66 7.59 33.97
CA LEU F 147 46.21 6.23 33.98
C LEU F 147 45.18 5.23 33.43
N LYS F 148 44.26 5.72 32.61
CA LYS F 148 43.05 5.00 32.26
C LYS F 148 42.48 5.56 30.95
N ASP F 149 42.71 6.86 30.72
CA ASP F 149 42.25 7.49 29.50
C ASP F 149 42.91 6.87 28.26
N SER F 150 44.18 6.50 28.39
CA SER F 150 44.96 5.98 27.27
C SER F 150 44.29 4.76 26.66
N GLY F 151 43.39 4.99 25.70
CA GLY F 151 42.70 3.89 25.04
C GLY F 151 41.53 4.38 24.22
N SER F 152 40.53 3.52 24.11
CA SER F 152 39.36 3.75 23.27
C SER F 152 38.37 4.69 23.96
N TYR F 153 37.71 5.52 23.15
CA TYR F 153 36.74 6.48 23.63
C TYR F 153 35.70 6.69 22.54
N PHE F 154 34.43 6.59 22.91
CA PHE F 154 33.33 7.01 22.03
C PHE F 154 32.07 7.12 22.87
N CYS F 155 30.93 7.29 22.20
CA CYS F 155 29.65 7.45 22.87
C CYS F 155 28.60 6.59 22.19
N ARG F 156 27.72 6.00 23.01
CA ARG F 156 26.51 5.36 22.53
C ARG F 156 25.32 6.22 22.92
N GLY F 157 24.35 6.35 22.03
CA GLY F 157 23.16 7.13 22.33
C GLY F 157 21.98 6.62 21.54
N LEU F 158 20.80 6.75 22.10
CA LEU F 158 19.60 6.32 21.38
C LEU F 158 18.78 7.52 20.98
N ILE F 159 18.26 7.48 19.75
CA ILE F 159 17.51 8.58 19.17
C ILE F 159 16.08 8.08 18.93
N GLY F 160 15.14 8.70 19.63
CA GLY F 160 13.75 8.27 19.57
C GLY F 160 13.57 6.84 20.04
N SER F 161 13.83 5.89 19.16
CA SER F 161 13.71 4.48 19.49
C SER F 161 14.86 3.63 18.95
N LYS F 162 15.83 4.23 18.28
CA LYS F 162 16.91 3.50 17.61
C LYS F 162 18.23 3.77 18.32
N ASN F 163 18.87 2.71 18.81
CA ASN F 163 20.19 2.84 19.40
C ASN F 163 21.21 3.08 18.30
N VAL F 164 22.25 3.84 18.64
CA VAL F 164 23.28 4.24 17.69
C VAL F 164 24.62 4.28 18.42
N SER F 165 25.67 3.84 17.73
CA SER F 165 27.03 3.89 18.23
C SER F 165 27.82 4.93 17.45
N SER F 166 28.82 5.51 18.10
CA SER F 166 29.80 6.35 17.44
C SER F 166 30.77 5.45 16.68
N GLU F 167 31.90 6.00 16.27
CA GLU F 167 33.06 5.19 15.89
C GLU F 167 34.19 5.54 16.84
N THR F 168 34.85 4.51 17.36
CA THR F 168 35.81 4.71 18.43
C THR F 168 37.00 5.55 17.96
N VAL F 169 37.42 6.49 18.81
CA VAL F 169 38.63 7.25 18.61
C VAL F 169 39.49 7.05 19.84
N GLN F 170 40.80 6.96 19.67
CA GLN F 170 41.62 6.60 20.82
C GLN F 170 42.43 7.82 21.21
N ILE F 171 42.73 7.91 22.51
CA ILE F 171 43.54 9.01 23.04
C ILE F 171 44.66 8.42 23.89
N THR F 172 45.85 8.99 23.77
CA THR F 172 46.97 8.58 24.61
C THR F 172 47.77 9.80 25.08
#